data_7BU9
#
_entry.id   7BU9
#
_cell.length_a   40.471
_cell.length_b   143.783
_cell.length_c   129.990
_cell.angle_alpha   90.000
_cell.angle_beta   95.860
_cell.angle_gamma   90.000
#
_symmetry.space_group_name_H-M   'P 1 21 1'
#
loop_
_entity.id
_entity.type
_entity.pdbx_description
1 polymer Spindlin-1
2 polymer 'H3(K4me3-K9me2) peptide'
#
loop_
_entity_poly.entity_id
_entity_poly.type
_entity_poly.pdbx_seq_one_letter_code
_entity_poly.pdbx_strand_id
1 'polypeptide(L)'
;GSPVSQPRRNIVGCRIQHGWKEGNGPVTQWKGTVLDQVPVNPSLYLIKYDGFDCVYGLELNKDERVSALEVLPDRVATSR
ISDAHLADTMIGKAVEHMFETEDGSKDEWRGMVLARAPVMNTWFYITYEKDPVLYMYQLLDDYKEGDLRIMPDSNDSPPA
EREPGEVVDSLVGKQVEYAKEDGSKRTGMVIHQVEAKPSVYFIKFDDDFHIYVYDLVKTS
;
A,C,E,G
2 'polypeptide(L)' ART(M3L)QTAR(MLY)STGGKA B,D,F,H
#
# COMPACT_ATOMS: atom_id res chain seq x y z
N VAL A 4 10.03 -15.23 -31.70
CA VAL A 4 9.26 -16.42 -32.03
C VAL A 4 10.12 -17.37 -32.88
N SER A 5 11.17 -17.93 -32.26
CA SER A 5 12.08 -18.91 -32.84
C SER A 5 13.13 -19.27 -31.78
N GLN A 6 13.78 -20.42 -31.98
CA GLN A 6 14.79 -20.89 -31.04
C GLN A 6 15.56 -22.06 -31.64
N PRO A 7 16.87 -22.16 -31.38
CA PRO A 7 17.66 -23.22 -32.04
C PRO A 7 17.28 -24.63 -31.63
N ARG A 8 17.06 -24.87 -30.35
CA ARG A 8 16.69 -26.26 -29.97
C ARG A 8 15.83 -26.27 -28.71
N ARG A 9 14.88 -27.21 -28.67
CA ARG A 9 13.96 -27.46 -27.54
C ARG A 9 13.07 -26.25 -27.24
N ASN A 10 13.03 -25.86 -25.96
CA ASN A 10 12.12 -24.80 -25.43
C ASN A 10 10.70 -25.26 -25.68
N ILE A 11 10.30 -26.35 -25.00
CA ILE A 11 8.98 -26.95 -25.11
C ILE A 11 8.15 -26.49 -23.93
N VAL A 12 8.68 -25.53 -23.18
CA VAL A 12 7.93 -24.95 -22.08
C VAL A 12 6.71 -24.25 -22.63
N GLY A 13 5.54 -24.60 -22.10
CA GLY A 13 4.30 -23.99 -22.52
C GLY A 13 3.58 -24.70 -23.63
N CYS A 14 4.01 -25.88 -24.04
CA CYS A 14 3.32 -26.67 -25.05
C CYS A 14 3.11 -28.08 -24.52
N ARG A 15 1.90 -28.59 -24.69
CA ARG A 15 1.54 -29.85 -24.09
C ARG A 15 2.20 -31.03 -24.81
N ILE A 16 2.33 -32.14 -24.09
CA ILE A 16 3.04 -33.33 -24.54
C ILE A 16 2.21 -34.56 -24.19
N GLN A 17 2.64 -35.71 -24.73
CA GLN A 17 2.04 -37.01 -24.44
C GLN A 17 3.14 -38.05 -24.32
N HIS A 18 3.10 -38.83 -23.25
CA HIS A 18 4.10 -39.87 -22.99
C HIS A 18 3.49 -40.92 -22.08
N GLY A 19 4.10 -42.10 -22.05
CA GLY A 19 3.64 -43.19 -21.23
C GLY A 19 4.47 -43.35 -19.96
N TRP A 20 3.80 -43.86 -18.92
CA TRP A 20 4.45 -44.08 -17.60
C TRP A 20 4.51 -45.58 -17.32
N LYS A 21 5.68 -46.05 -16.90
CA LYS A 21 5.96 -47.43 -16.51
C LYS A 21 6.49 -47.40 -15.08
N GLU A 22 5.73 -47.99 -14.17
CA GLU A 22 6.08 -48.05 -12.73
C GLU A 22 6.84 -49.35 -12.50
N GLY A 23 8.11 -49.27 -12.11
CA GLY A 23 8.87 -50.52 -11.92
C GLY A 23 8.83 -51.25 -13.24
N ASN A 24 8.27 -52.45 -13.25
CA ASN A 24 8.07 -53.20 -14.51
C ASN A 24 6.58 -53.56 -14.58
N GLY A 25 5.71 -52.55 -14.63
CA GLY A 25 4.28 -52.73 -14.69
C GLY A 25 3.71 -52.47 -16.06
N PRO A 26 2.61 -51.69 -16.12
CA PRO A 26 2.00 -51.39 -17.41
C PRO A 26 2.41 -50.03 -17.96
N VAL A 27 2.47 -49.93 -19.29
CA VAL A 27 2.82 -48.67 -19.97
C VAL A 27 1.51 -47.91 -20.18
N THR A 28 1.10 -47.13 -19.20
CA THR A 28 -0.15 -46.40 -19.34
C THR A 28 0.12 -45.00 -19.89
N GLN A 29 -0.74 -44.55 -20.79
CA GLN A 29 -0.50 -43.34 -21.56
C GLN A 29 -1.08 -42.11 -20.87
N TRP A 30 -0.22 -41.10 -20.73
CA TRP A 30 -0.54 -39.83 -20.04
C TRP A 30 -0.29 -38.69 -21.03
N LYS A 31 -1.08 -37.62 -20.93
CA LYS A 31 -0.79 -36.40 -21.66
C LYS A 31 -0.96 -35.23 -20.72
N GLY A 32 -0.08 -34.24 -20.82
CA GLY A 32 -0.12 -33.12 -19.91
C GLY A 32 0.50 -31.89 -20.54
N THR A 33 0.73 -30.89 -19.70
CA THR A 33 1.30 -29.62 -20.12
C THR A 33 2.56 -29.34 -19.33
N VAL A 34 3.63 -29.03 -20.05
CA VAL A 34 4.85 -28.54 -19.43
C VAL A 34 4.64 -27.10 -18.99
N LEU A 35 4.94 -26.81 -17.73
CA LEU A 35 4.70 -25.50 -17.13
C LEU A 35 5.95 -24.67 -16.94
N ASP A 36 7.10 -25.29 -16.71
CA ASP A 36 8.31 -24.54 -16.35
C ASP A 36 9.52 -25.46 -16.38
N GLN A 37 10.69 -24.85 -16.27
CA GLN A 37 11.96 -25.57 -16.09
C GLN A 37 12.77 -24.86 -15.01
N VAL A 38 13.58 -25.62 -14.29
CA VAL A 38 14.35 -25.10 -13.17
C VAL A 38 15.77 -24.83 -13.64
N PRO A 39 16.34 -23.65 -13.36
CA PRO A 39 17.66 -23.32 -13.89
C PRO A 39 18.80 -23.98 -13.13
N VAL A 40 18.63 -24.22 -11.83
CA VAL A 40 19.73 -24.74 -11.03
C VAL A 40 20.21 -26.08 -11.58
N ASN A 41 19.28 -26.95 -11.92
CA ASN A 41 19.56 -28.18 -12.67
C ASN A 41 18.62 -28.20 -13.86
N PRO A 42 19.11 -27.95 -15.06
CA PRO A 42 18.20 -27.80 -16.21
C PRO A 42 17.79 -29.12 -16.85
N SER A 43 17.87 -30.22 -16.11
CA SER A 43 17.39 -31.50 -16.62
C SER A 43 15.98 -31.83 -16.15
N LEU A 44 15.26 -30.84 -15.62
CA LEU A 44 14.01 -31.09 -14.91
C LEU A 44 12.93 -30.15 -15.42
N TYR A 45 11.71 -30.68 -15.57
CA TYR A 45 10.57 -29.89 -16.01
C TYR A 45 9.41 -30.10 -15.04
N LEU A 46 8.55 -29.10 -14.95
CA LEU A 46 7.34 -29.18 -14.16
C LEU A 46 6.16 -29.49 -15.07
N ILE A 47 5.27 -30.38 -14.62
CA ILE A 47 4.20 -30.87 -15.47
C ILE A 47 2.87 -30.85 -14.72
N LYS A 48 1.80 -30.63 -15.46
CA LYS A 48 0.43 -30.77 -14.96
C LYS A 48 -0.36 -31.63 -15.94
N TYR A 49 -1.05 -32.65 -15.42
CA TYR A 49 -1.68 -33.67 -16.27
C TYR A 49 -3.18 -33.42 -16.32
N ASP A 50 -3.77 -33.56 -17.50
CA ASP A 50 -5.23 -33.35 -17.62
C ASP A 50 -5.87 -34.39 -16.71
N GLY A 51 -6.70 -33.96 -15.76
CA GLY A 51 -7.36 -34.91 -14.86
C GLY A 51 -6.89 -34.76 -13.43
N PHE A 52 -5.59 -34.59 -13.22
CA PHE A 52 -5.02 -34.48 -11.88
C PHE A 52 -4.56 -33.05 -11.63
N ASP A 53 -5.11 -32.43 -10.59
CA ASP A 53 -4.79 -31.05 -10.28
C ASP A 53 -3.35 -30.89 -9.80
N CYS A 54 -2.68 -31.98 -9.44
CA CYS A 54 -1.34 -31.89 -8.88
C CYS A 54 -0.33 -31.56 -9.96
N VAL A 55 0.80 -30.99 -9.54
CA VAL A 55 1.92 -30.68 -10.40
C VAL A 55 3.13 -31.50 -9.94
N TYR A 56 3.81 -32.14 -10.90
CA TYR A 56 4.99 -32.95 -10.56
C TYR A 56 6.23 -32.36 -11.21
N GLY A 57 7.40 -32.87 -10.84
CA GLY A 57 8.69 -32.51 -11.43
C GLY A 57 9.42 -33.72 -11.97
N LEU A 58 9.62 -33.77 -13.27
CA LEU A 58 10.19 -34.94 -13.93
C LEU A 58 11.35 -34.55 -14.85
N GLU A 59 12.37 -35.39 -14.86
CA GLU A 59 13.50 -35.24 -15.78
C GLU A 59 13.15 -35.93 -17.10
N LEU A 60 12.25 -35.28 -17.84
CA LEU A 60 11.59 -35.91 -18.98
C LEU A 60 12.56 -36.53 -20.00
N ASN A 61 13.83 -36.12 -19.99
CA ASN A 61 14.79 -36.64 -20.93
C ASN A 61 15.95 -37.40 -20.29
N LYS A 62 16.14 -37.31 -18.97
CA LYS A 62 17.21 -38.00 -18.26
C LYS A 62 16.68 -39.13 -17.38
N ASP A 63 15.44 -39.57 -17.61
CA ASP A 63 14.78 -40.55 -16.75
C ASP A 63 14.38 -41.76 -17.55
N GLU A 64 14.78 -42.95 -17.10
CA GLU A 64 14.46 -44.21 -17.80
C GLU A 64 12.95 -44.46 -17.74
N ARG A 65 12.33 -44.12 -16.61
CA ARG A 65 10.89 -44.39 -16.37
C ARG A 65 9.99 -43.75 -17.43
N VAL A 66 10.32 -42.56 -17.93
CA VAL A 66 9.42 -41.95 -18.95
C VAL A 66 9.57 -42.68 -20.28
N SER A 67 8.49 -42.73 -21.07
CA SER A 67 8.44 -43.43 -22.38
C SER A 67 8.86 -42.51 -23.52
N ALA A 68 8.74 -42.97 -24.77
CA ALA A 68 9.07 -42.12 -25.91
C ALA A 68 8.31 -40.80 -25.81
N LEU A 69 9.03 -39.70 -25.97
CA LEU A 69 8.47 -38.37 -25.74
C LEU A 69 7.86 -37.83 -27.03
N GLU A 70 6.55 -37.61 -27.01
CA GLU A 70 5.83 -37.02 -28.14
C GLU A 70 5.36 -35.63 -27.75
N VAL A 71 5.66 -34.65 -28.60
CA VAL A 71 5.30 -33.26 -28.37
C VAL A 71 4.13 -32.94 -29.29
N LEU A 72 2.99 -32.65 -28.69
CA LEU A 72 1.74 -32.55 -29.44
C LEU A 72 1.62 -31.19 -30.12
N PRO A 73 0.88 -31.11 -31.22
CA PRO A 73 0.60 -29.80 -31.83
C PRO A 73 -0.54 -29.05 -31.17
N ASP A 74 -1.21 -29.64 -30.18
CA ASP A 74 -2.27 -28.94 -29.47
C ASP A 74 -1.71 -27.67 -28.81
N ARG A 75 -2.57 -26.66 -28.75
CA ARG A 75 -2.21 -25.35 -28.19
C ARG A 75 -2.93 -25.16 -26.87
N VAL A 76 -2.22 -24.74 -25.82
CA VAL A 76 -2.86 -24.46 -24.52
C VAL A 76 -3.39 -23.06 -24.66
N ALA A 77 -4.67 -22.89 -24.99
CA ALA A 77 -5.19 -21.53 -25.25
C ALA A 77 -4.95 -20.70 -24.00
N THR A 78 -4.18 -19.62 -24.12
CA THR A 78 -3.87 -18.73 -22.97
C THR A 78 -5.18 -18.36 -22.28
N SER A 79 -6.17 -17.91 -23.06
CA SER A 79 -7.52 -17.62 -22.52
C SER A 79 -7.43 -16.73 -21.29
N ARG A 80 -6.97 -15.50 -21.47
CA ARG A 80 -6.74 -14.55 -20.34
C ARG A 80 -8.02 -14.39 -19.51
N ILE A 81 -7.83 -14.36 -18.19
CA ILE A 81 -8.83 -14.22 -17.09
C ILE A 81 -9.55 -12.88 -17.16
N SER A 82 -10.86 -12.87 -16.93
CA SER A 82 -11.69 -11.63 -16.98
C SER A 82 -11.11 -10.53 -16.09
N ASP A 83 -11.13 -10.71 -14.77
CA ASP A 83 -10.64 -9.65 -13.88
C ASP A 83 -9.63 -10.23 -12.91
N ALA A 84 -8.52 -9.53 -12.74
CA ALA A 84 -7.44 -9.95 -11.86
C ALA A 84 -7.52 -9.33 -10.48
N HIS A 85 -8.49 -8.44 -10.24
CA HIS A 85 -8.62 -7.81 -8.94
C HIS A 85 -8.76 -8.85 -7.84
N LEU A 86 -9.70 -9.79 -7.98
CA LEU A 86 -9.89 -10.82 -6.98
C LEU A 86 -8.66 -11.73 -6.89
N ALA A 87 -8.07 -12.07 -8.04
CA ALA A 87 -6.88 -12.90 -8.04
C ALA A 87 -5.78 -12.31 -7.17
N ASP A 88 -5.61 -10.99 -7.24
CA ASP A 88 -4.55 -10.36 -6.46
C ASP A 88 -4.87 -10.31 -4.97
N THR A 89 -6.15 -10.33 -4.60
CA THR A 89 -6.48 -10.23 -3.18
C THR A 89 -6.03 -11.44 -2.37
N MET A 90 -5.88 -12.59 -3.01
CA MET A 90 -5.66 -13.83 -2.30
C MET A 90 -4.28 -14.42 -2.49
N ILE A 91 -3.42 -13.79 -3.28
CA ILE A 91 -2.07 -14.31 -3.45
C ILE A 91 -1.29 -14.13 -2.16
N GLY A 92 -0.86 -15.25 -1.57
CA GLY A 92 -0.07 -15.22 -0.36
C GLY A 92 -0.86 -15.29 0.92
N LYS A 93 -2.18 -15.49 0.86
CA LYS A 93 -3.01 -15.50 2.05
C LYS A 93 -3.19 -16.94 2.55
N ALA A 94 -4.14 -17.16 3.44
CA ALA A 94 -4.49 -18.49 3.93
C ALA A 94 -5.99 -18.67 3.82
N VAL A 95 -6.42 -19.75 3.16
CA VAL A 95 -7.81 -19.97 2.77
C VAL A 95 -8.21 -21.40 3.08
N GLU A 96 -9.52 -21.60 3.31
CA GLU A 96 -10.07 -22.92 3.59
C GLU A 96 -10.65 -23.49 2.30
N HIS A 97 -10.02 -24.53 1.79
CA HIS A 97 -10.39 -25.15 0.52
C HIS A 97 -11.39 -26.27 0.81
N MET A 98 -12.63 -26.10 0.34
CA MET A 98 -13.67 -27.08 0.60
C MET A 98 -13.57 -28.22 -0.40
N PHE A 99 -13.57 -29.45 0.10
CA PHE A 99 -13.45 -30.66 -0.71
C PHE A 99 -14.63 -31.57 -0.41
N GLU A 100 -15.10 -32.25 -1.45
CA GLU A 100 -16.26 -33.12 -1.38
C GLU A 100 -15.78 -34.55 -1.53
N THR A 101 -16.06 -35.38 -0.52
CA THR A 101 -15.75 -36.79 -0.61
C THR A 101 -16.64 -37.46 -1.65
N GLU A 102 -16.25 -38.67 -2.06
CA GLU A 102 -17.08 -39.42 -3.02
C GLU A 102 -18.47 -39.70 -2.45
N ASP A 103 -18.58 -39.87 -1.13
CA ASP A 103 -19.89 -40.04 -0.51
C ASP A 103 -20.69 -38.75 -0.55
N GLY A 104 -20.00 -37.61 -0.64
CA GLY A 104 -20.63 -36.31 -0.62
C GLY A 104 -20.45 -35.55 0.67
N SER A 105 -19.73 -36.10 1.64
CA SER A 105 -19.54 -35.41 2.92
C SER A 105 -18.53 -34.28 2.78
N LYS A 106 -18.60 -33.34 3.71
CA LYS A 106 -17.78 -32.14 3.68
C LYS A 106 -16.40 -32.39 4.27
N ASP A 107 -15.38 -31.75 3.70
CA ASP A 107 -14.04 -31.81 4.30
C ASP A 107 -13.21 -30.67 3.74
N GLU A 108 -12.88 -29.69 4.56
CA GLU A 108 -12.10 -28.54 4.11
C GLU A 108 -10.67 -28.64 4.65
N TRP A 109 -9.72 -28.23 3.82
CA TRP A 109 -8.31 -28.22 4.19
C TRP A 109 -7.82 -26.77 4.25
N ARG A 110 -7.11 -26.43 5.32
CA ARG A 110 -6.56 -25.09 5.47
C ARG A 110 -5.25 -25.01 4.68
N GLY A 111 -5.22 -24.16 3.66
CA GLY A 111 -4.05 -24.06 2.81
C GLY A 111 -3.70 -22.62 2.48
N MET A 112 -2.78 -22.42 1.53
CA MET A 112 -2.32 -21.09 1.17
C MET A 112 -2.20 -20.97 -0.33
N VAL A 113 -2.76 -19.89 -0.89
CA VAL A 113 -2.68 -19.62 -2.33
C VAL A 113 -1.33 -18.97 -2.58
N LEU A 114 -0.41 -19.73 -3.19
CA LEU A 114 0.96 -19.24 -3.35
C LEU A 114 1.01 -18.05 -4.31
N ALA A 115 0.54 -18.24 -5.54
CA ALA A 115 0.55 -17.18 -6.54
C ALA A 115 -0.18 -17.68 -7.79
N ARG A 116 -0.26 -16.79 -8.77
CA ARG A 116 -0.83 -17.15 -10.06
C ARG A 116 0.09 -18.12 -10.79
N ALA A 117 -0.50 -19.08 -11.49
CA ALA A 117 0.28 -20.12 -12.18
C ALA A 117 0.84 -19.59 -13.49
N PRO A 118 1.84 -20.27 -14.06
CA PRO A 118 2.43 -19.94 -15.34
C PRO A 118 1.83 -20.91 -16.36
N VAL A 119 1.76 -20.47 -17.62
CA VAL A 119 1.19 -21.17 -18.82
C VAL A 119 -0.34 -21.14 -18.74
N MET A 120 -0.94 -21.79 -17.74
CA MET A 120 -2.40 -21.79 -17.53
C MET A 120 -2.64 -20.66 -16.54
N ASN A 121 -3.19 -19.55 -17.00
CA ASN A 121 -3.28 -18.36 -16.18
C ASN A 121 -4.47 -18.40 -15.24
N THR A 122 -5.61 -18.96 -15.67
CA THR A 122 -6.76 -19.07 -14.80
C THR A 122 -6.46 -19.97 -13.60
N TRP A 123 -5.67 -21.01 -13.80
CA TRP A 123 -5.30 -21.92 -12.74
C TRP A 123 -4.36 -21.22 -11.75
N PHE A 124 -4.36 -21.69 -10.51
CA PHE A 124 -3.65 -21.04 -9.42
C PHE A 124 -2.85 -22.07 -8.64
N TYR A 125 -1.68 -21.63 -8.17
CA TYR A 125 -0.86 -22.43 -7.28
C TYR A 125 -1.49 -22.50 -5.89
N ILE A 126 -1.22 -23.61 -5.19
CA ILE A 126 -1.68 -23.74 -3.81
C ILE A 126 -0.93 -24.85 -3.09
N THR A 127 -0.68 -24.66 -1.79
CA THR A 127 -0.16 -25.67 -0.89
C THR A 127 -1.06 -25.77 0.33
N TYR A 128 -1.06 -26.92 0.97
CA TYR A 128 -1.91 -27.20 2.11
C TYR A 128 -1.05 -27.57 3.33
N GLU A 129 -1.65 -27.46 4.51
CA GLU A 129 -0.87 -27.57 5.75
C GLU A 129 -0.49 -29.01 6.06
N LYS A 130 -1.48 -29.90 6.15
CA LYS A 130 -1.19 -31.30 6.47
C LYS A 130 -0.71 -32.08 5.25
N ASP A 131 -1.02 -31.57 4.05
CA ASP A 131 -0.51 -32.14 2.77
C ASP A 131 0.30 -31.04 2.12
N PRO A 132 1.65 -31.08 2.16
CA PRO A 132 2.48 -30.04 1.60
C PRO A 132 3.10 -30.31 0.24
N VAL A 133 2.33 -30.15 -0.82
CA VAL A 133 2.83 -30.28 -2.19
C VAL A 133 2.15 -29.25 -3.07
N LEU A 134 2.73 -29.06 -4.25
CA LEU A 134 2.28 -28.03 -5.17
C LEU A 134 1.08 -28.54 -5.96
N TYR A 135 -0.07 -27.89 -5.78
CA TYR A 135 -1.25 -28.21 -6.56
C TYR A 135 -1.69 -26.99 -7.38
N MET A 136 -2.45 -27.27 -8.43
CA MET A 136 -3.00 -26.25 -9.31
C MET A 136 -4.52 -26.39 -9.35
N TYR A 137 -5.23 -25.36 -8.92
CA TYR A 137 -6.69 -25.34 -8.95
C TYR A 137 -7.16 -24.01 -9.52
N GLN A 138 -8.21 -24.06 -10.35
CA GLN A 138 -8.91 -22.85 -10.79
C GLN A 138 -9.69 -22.31 -9.60
N LEU A 139 -8.98 -21.63 -8.70
CA LEU A 139 -9.59 -21.12 -7.48
C LEU A 139 -10.67 -20.07 -7.74
N LEU A 140 -10.66 -19.46 -8.93
CA LEU A 140 -11.75 -18.55 -9.30
C LEU A 140 -13.10 -19.26 -9.23
N ASP A 141 -13.19 -20.44 -9.85
CA ASP A 141 -14.41 -21.24 -9.80
C ASP A 141 -14.80 -21.52 -8.35
N ASP A 142 -13.83 -21.96 -7.55
CA ASP A 142 -14.03 -22.24 -6.13
C ASP A 142 -14.70 -21.07 -5.42
N TYR A 143 -14.00 -19.94 -5.37
CA TYR A 143 -14.53 -18.78 -4.64
C TYR A 143 -15.87 -18.34 -5.22
N LYS A 144 -16.07 -18.47 -6.53
CA LYS A 144 -17.33 -18.05 -7.13
C LYS A 144 -18.49 -18.89 -6.64
N GLU A 145 -18.32 -20.21 -6.59
CA GLU A 145 -19.43 -21.06 -6.17
C GLU A 145 -19.59 -21.12 -4.66
N GLY A 146 -18.58 -20.70 -3.90
CA GLY A 146 -18.69 -20.60 -2.46
C GLY A 146 -17.90 -21.61 -1.65
N ASP A 147 -17.00 -22.36 -2.29
CA ASP A 147 -16.22 -23.40 -1.62
C ASP A 147 -14.86 -22.91 -1.17
N LEU A 148 -14.63 -21.59 -1.15
CA LEU A 148 -13.37 -21.03 -0.72
C LEU A 148 -13.63 -19.72 0.01
N ARG A 149 -12.97 -19.56 1.16
CA ARG A 149 -13.08 -18.37 1.98
C ARG A 149 -11.69 -17.99 2.47
N ILE A 150 -11.52 -16.72 2.83
CA ILE A 150 -10.21 -16.14 3.14
C ILE A 150 -10.24 -15.63 4.57
N MET A 151 -9.30 -16.10 5.39
CA MET A 151 -9.15 -15.53 6.73
C MET A 151 -8.07 -14.44 6.71
N PRO A 152 -8.29 -13.34 7.42
CA PRO A 152 -7.52 -12.12 7.18
C PRO A 152 -6.18 -12.09 7.93
N ASP A 153 -5.43 -11.02 7.66
CA ASP A 153 -4.17 -10.74 8.34
C ASP A 153 -3.81 -9.29 8.07
N PRO A 164 13.66 -2.58 4.78
CA PRO A 164 13.06 -1.67 3.80
C PRO A 164 13.89 -1.67 2.51
N GLY A 165 15.17 -2.03 2.64
CA GLY A 165 16.11 -2.17 1.52
C GLY A 165 16.42 -3.63 1.39
N GLU A 166 16.27 -4.22 0.21
CA GLU A 166 16.38 -5.70 0.16
C GLU A 166 17.78 -6.24 0.48
N VAL A 167 17.75 -7.30 1.29
CA VAL A 167 18.87 -8.13 1.79
C VAL A 167 19.01 -9.34 0.87
N VAL A 168 20.04 -10.16 1.10
CA VAL A 168 20.29 -11.35 0.25
C VAL A 168 19.03 -12.21 0.08
N ASP A 169 18.19 -12.32 1.11
CA ASP A 169 16.89 -13.06 1.04
C ASP A 169 17.10 -14.54 0.72
N SER A 170 16.45 -15.00 -0.34
CA SER A 170 16.45 -16.42 -0.79
C SER A 170 17.80 -17.12 -0.82
N LEU A 171 17.71 -18.41 -0.55
CA LEU A 171 18.78 -19.44 -0.60
C LEU A 171 18.45 -20.62 -1.53
N VAL A 172 18.00 -20.33 -2.74
CA VAL A 172 17.72 -21.31 -3.83
C VAL A 172 19.02 -22.01 -4.21
N GLY A 173 18.98 -23.29 -4.57
CA GLY A 173 20.16 -24.04 -4.94
C GLY A 173 20.90 -24.69 -3.79
N LYS A 174 20.45 -24.49 -2.55
CA LYS A 174 21.08 -25.12 -1.39
C LYS A 174 20.48 -26.50 -1.17
N GLN A 175 21.36 -27.50 -1.10
CA GLN A 175 20.92 -28.86 -0.80
C GLN A 175 20.57 -28.98 0.67
N VAL A 176 19.52 -29.75 0.96
CA VAL A 176 18.98 -29.86 2.30
C VAL A 176 18.93 -31.33 2.70
N GLU A 177 18.66 -31.58 3.99
CA GLU A 177 18.57 -32.95 4.56
C GLU A 177 17.65 -32.93 5.78
N TYR A 178 17.01 -34.06 6.11
CA TYR A 178 16.04 -34.18 7.23
C TYR A 178 16.11 -35.58 7.85
N ALA A 179 15.30 -35.85 8.88
CA ALA A 179 15.33 -37.17 9.56
C ALA A 179 14.00 -37.93 9.38
N LYS A 180 14.07 -39.19 8.90
CA LYS A 180 12.90 -40.04 8.73
C LYS A 180 13.15 -41.39 9.38
N GLU A 181 12.16 -42.28 9.22
CA GLU A 181 12.02 -43.42 10.13
C GLU A 181 12.80 -44.66 9.69
N ASP A 182 12.72 -45.06 8.43
CA ASP A 182 13.34 -46.30 7.97
C ASP A 182 14.80 -46.07 7.59
N GLY A 183 15.54 -45.55 8.56
CA GLY A 183 16.97 -45.27 8.42
C GLY A 183 17.25 -44.51 7.15
N SER A 184 16.47 -43.45 6.92
CA SER A 184 16.58 -42.68 5.69
C SER A 184 16.29 -41.22 5.98
N LYS A 185 16.81 -40.36 5.11
CA LYS A 185 16.62 -38.92 5.20
C LYS A 185 16.30 -38.38 3.81
N ARG A 186 15.28 -37.52 3.73
CA ARG A 186 14.94 -36.87 2.48
C ARG A 186 16.10 -36.00 2.02
N THR A 187 16.58 -36.23 0.80
CA THR A 187 17.70 -35.49 0.24
C THR A 187 17.25 -34.82 -1.05
N GLY A 188 17.22 -33.49 -1.03
CA GLY A 188 16.86 -32.74 -2.22
C GLY A 188 17.47 -31.36 -2.16
N MET A 189 16.98 -30.49 -3.03
CA MET A 189 17.43 -29.11 -3.02
C MET A 189 16.27 -28.16 -3.28
N VAL A 190 16.47 -26.92 -2.85
CA VAL A 190 15.50 -25.85 -3.02
C VAL A 190 15.58 -25.32 -4.44
N ILE A 191 14.46 -24.87 -4.99
CA ILE A 191 14.46 -24.44 -6.39
C ILE A 191 13.75 -23.11 -6.63
N HIS A 192 13.03 -22.59 -5.64
CA HIS A 192 12.29 -21.37 -5.92
C HIS A 192 12.00 -20.58 -4.65
N GLN A 193 12.05 -19.26 -4.76
CA GLN A 193 11.58 -18.34 -3.72
C GLN A 193 10.25 -17.76 -4.18
N VAL A 194 9.23 -17.90 -3.35
CA VAL A 194 7.90 -17.43 -3.73
C VAL A 194 7.82 -15.93 -3.55
N GLU A 195 7.17 -15.26 -4.51
CA GLU A 195 7.12 -13.80 -4.51
C GLU A 195 6.30 -13.27 -3.34
N ALA A 196 5.17 -13.92 -3.03
CA ALA A 196 4.28 -13.38 -2.00
C ALA A 196 4.90 -13.45 -0.61
N LYS A 197 5.42 -14.61 -0.24
CA LYS A 197 6.11 -14.78 1.03
C LYS A 197 7.51 -15.34 0.76
N PRO A 198 8.57 -14.58 1.02
CA PRO A 198 9.93 -15.11 0.79
C PRO A 198 10.33 -16.22 1.75
N SER A 199 9.52 -16.47 2.79
CA SER A 199 9.87 -17.51 3.76
C SER A 199 9.79 -18.90 3.14
N VAL A 200 8.77 -19.16 2.34
CA VAL A 200 8.55 -20.50 1.82
C VAL A 200 9.31 -20.67 0.51
N TYR A 201 9.59 -21.93 0.18
CA TYR A 201 10.34 -22.25 -1.02
C TYR A 201 9.84 -23.55 -1.60
N PHE A 202 10.04 -23.71 -2.91
CA PHE A 202 9.82 -24.98 -3.58
C PHE A 202 11.06 -25.84 -3.41
N ILE A 203 10.89 -27.06 -2.93
CA ILE A 203 11.98 -27.99 -2.73
C ILE A 203 11.65 -29.29 -3.45
N LYS A 204 12.65 -29.87 -4.09
CA LYS A 204 12.52 -31.12 -4.83
C LYS A 204 13.42 -32.15 -4.19
N PHE A 205 12.87 -33.30 -3.84
CA PHE A 205 13.59 -34.37 -3.16
C PHE A 205 13.79 -35.53 -4.13
N ASP A 206 15.04 -35.96 -4.27
CA ASP A 206 15.33 -37.04 -5.20
C ASP A 206 14.70 -38.34 -4.71
N ASP A 207 14.52 -39.27 -5.65
CA ASP A 207 13.73 -40.48 -5.48
C ASP A 207 12.24 -40.19 -5.26
N ASP A 208 11.85 -38.91 -5.36
CA ASP A 208 10.46 -38.50 -5.30
C ASP A 208 10.20 -37.57 -6.49
N PHE A 209 8.99 -37.65 -7.02
CA PHE A 209 8.63 -36.88 -8.24
C PHE A 209 7.48 -35.93 -7.92
N HIS A 210 7.55 -35.30 -6.74
CA HIS A 210 6.59 -34.30 -6.33
C HIS A 210 7.32 -33.09 -5.75
N ILE A 211 6.73 -31.92 -5.99
CA ILE A 211 7.29 -30.64 -5.58
C ILE A 211 6.69 -30.24 -4.24
N TYR A 212 7.54 -29.95 -3.26
CA TYR A 212 7.09 -29.65 -1.91
C TYR A 212 7.25 -28.16 -1.63
N VAL A 213 6.28 -27.56 -0.95
CA VAL A 213 6.34 -26.15 -0.60
C VAL A 213 6.49 -26.05 0.91
N TYR A 214 7.62 -25.50 1.35
CA TYR A 214 7.95 -25.51 2.78
C TYR A 214 8.35 -24.13 3.29
N ASP A 215 8.03 -23.89 4.56
CA ASP A 215 8.43 -22.67 5.26
C ASP A 215 9.70 -22.99 6.06
N LEU A 216 10.81 -22.34 5.70
CA LEU A 216 12.12 -22.64 6.27
C LEU A 216 12.55 -21.62 7.32
N VAL A 217 11.66 -20.71 7.70
CA VAL A 217 11.94 -19.58 8.60
C VAL A 217 13.35 -19.02 8.45
N ALA B 1 -16.65 -28.50 -4.37
CA ALA B 1 -17.16 -29.38 -5.41
C ALA B 1 -16.03 -30.22 -6.00
N ARG B 2 -14.79 -29.80 -5.75
CA ARG B 2 -13.64 -30.58 -6.18
C ARG B 2 -13.47 -31.79 -5.29
N THR B 3 -12.70 -32.77 -5.78
CA THR B 3 -12.51 -34.03 -5.06
C THR B 3 -11.04 -34.42 -4.95
N M3L B 4 -10.67 -34.94 -3.78
CA M3L B 4 -9.32 -35.38 -3.51
CB M3L B 4 -9.13 -35.65 -2.01
CG M3L B 4 -7.71 -35.99 -1.60
CD M3L B 4 -6.74 -34.90 -2.01
CE M3L B 4 -6.86 -33.72 -1.04
NZ M3L B 4 -5.77 -32.68 -1.12
C M3L B 4 -8.92 -36.62 -4.31
O M3L B 4 -7.75 -37.01 -4.45
CM1 M3L B 4 -5.76 -31.97 -2.44
CM2 M3L B 4 -5.82 -31.68 -0.01
CM3 M3L B 4 -4.48 -33.42 -1.00
N GLN B 5 -9.93 -37.26 -4.87
CA GLN B 5 -9.72 -38.45 -5.69
C GLN B 5 -8.98 -38.14 -6.98
N THR B 6 -9.21 -36.94 -7.53
CA THR B 6 -8.55 -36.49 -8.75
C THR B 6 -7.23 -35.77 -8.47
N ALA B 7 -6.80 -35.71 -7.20
CA ALA B 7 -5.59 -34.98 -6.86
C ALA B 7 -4.38 -35.51 -7.62
N ARG B 8 -4.15 -36.82 -7.56
CA ARG B 8 -3.01 -37.42 -8.27
C ARG B 8 -3.31 -38.79 -8.89
N MLY B 9 -2.31 -39.32 -9.60
CA MLY B 9 -2.42 -40.63 -10.24
CB MLY B 9 -1.58 -40.66 -11.51
CG MLY B 9 -0.23 -39.97 -11.39
CD MLY B 9 0.32 -39.60 -12.76
CE MLY B 9 1.72 -39.02 -12.66
NZ MLY B 9 2.75 -40.06 -12.40
CH1 MLY B 9 2.75 -40.95 -13.58
CH2 MLY B 9 4.04 -39.37 -12.44
C MLY B 9 -1.99 -41.75 -9.30
O MLY B 9 -0.85 -41.79 -8.84
N VAL C 4 14.39 -7.10 19.68
CA VAL C 4 15.04 -6.23 20.66
C VAL C 4 15.99 -7.05 21.52
N SER C 5 15.54 -8.24 21.91
CA SER C 5 16.39 -9.24 22.54
C SER C 5 16.48 -10.44 21.59
N GLN C 6 17.69 -10.95 21.36
CA GLN C 6 17.79 -12.05 20.39
C GLN C 6 18.71 -13.16 20.90
N PRO C 7 18.76 -14.31 20.20
CA PRO C 7 19.56 -15.44 20.61
C PRO C 7 21.03 -15.38 20.16
N ARG C 8 21.69 -16.52 20.18
CA ARG C 8 23.13 -16.68 19.84
C ARG C 8 23.55 -16.01 18.51
N ARG C 9 24.75 -15.41 18.56
CA ARG C 9 25.54 -14.82 17.43
C ARG C 9 24.84 -13.71 16.65
N ASN C 10 24.57 -13.94 15.36
CA ASN C 10 23.95 -12.97 14.41
C ASN C 10 24.81 -11.71 14.29
N ILE C 11 26.01 -11.83 13.72
CA ILE C 11 26.98 -10.69 13.57
C ILE C 11 26.45 -9.57 12.68
N VAL C 12 25.54 -9.86 11.74
CA VAL C 12 25.00 -8.87 10.77
C VAL C 12 24.41 -7.66 11.49
N GLY C 13 24.65 -6.45 10.98
CA GLY C 13 24.06 -5.23 11.57
C GLY C 13 24.88 -4.64 12.69
N CYS C 14 26.05 -5.20 12.99
CA CYS C 14 26.88 -4.67 14.11
C CYS C 14 28.21 -4.15 13.60
N ARG C 15 28.60 -2.92 13.96
CA ARG C 15 29.88 -2.42 13.50
C ARG C 15 31.01 -3.30 14.04
N ILE C 16 31.91 -3.71 13.15
CA ILE C 16 33.01 -4.59 13.51
C ILE C 16 34.33 -3.93 13.15
N GLN C 17 35.38 -4.37 13.84
CA GLN C 17 36.76 -3.96 13.57
C GLN C 17 37.63 -5.19 13.66
N HIS C 18 38.45 -5.41 12.63
CA HIS C 18 39.31 -6.59 12.59
C HIS C 18 40.65 -6.23 11.96
N GLY C 19 41.63 -7.09 12.17
CA GLY C 19 42.95 -6.92 11.61
C GLY C 19 43.31 -8.04 10.66
N TRP C 20 43.65 -7.67 9.42
CA TRP C 20 43.98 -8.67 8.39
C TRP C 20 45.31 -8.30 7.71
N LYS C 21 46.15 -9.30 7.47
CA LYS C 21 47.47 -9.09 6.90
C LYS C 21 47.62 -10.04 5.71
N GLU C 22 47.63 -9.49 4.50
CA GLU C 22 47.78 -10.30 3.31
C GLU C 22 49.25 -10.47 2.96
N GLY C 23 49.58 -11.66 2.44
CA GLY C 23 50.95 -11.94 2.06
C GLY C 23 51.88 -11.86 3.25
N ASN C 24 52.98 -11.12 3.09
CA ASN C 24 53.93 -10.87 4.17
C ASN C 24 54.09 -9.35 4.31
N GLY C 25 53.06 -8.70 4.87
CA GLY C 25 53.06 -7.28 5.03
C GLY C 25 52.66 -6.82 6.42
N PRO C 26 52.59 -5.51 6.63
CA PRO C 26 52.24 -4.99 7.96
C PRO C 26 50.77 -5.23 8.28
N VAL C 27 50.51 -5.63 9.52
CA VAL C 27 49.15 -5.91 9.95
C VAL C 27 48.35 -4.61 9.97
N THR C 28 47.20 -4.62 9.29
CA THR C 28 46.37 -3.44 9.12
C THR C 28 45.03 -3.67 9.79
N GLN C 29 44.65 -2.74 10.68
CA GLN C 29 43.39 -2.82 11.40
C GLN C 29 42.32 -2.06 10.64
N TRP C 30 41.22 -2.73 10.34
CA TRP C 30 40.11 -2.13 9.62
C TRP C 30 38.88 -2.05 10.52
N LYS C 31 38.03 -1.06 10.24
CA LYS C 31 36.80 -0.86 10.99
C LYS C 31 35.68 -0.60 10.00
N GLY C 32 34.61 -1.38 10.08
CA GLY C 32 33.54 -1.27 9.11
C GLY C 32 32.20 -1.62 9.72
N THR C 33 31.18 -1.55 8.88
CA THR C 33 29.81 -1.89 9.26
C THR C 33 29.33 -3.05 8.40
N VAL C 34 28.77 -4.07 9.05
CA VAL C 34 28.25 -5.23 8.33
C VAL C 34 26.85 -4.91 7.84
N LEU C 35 26.44 -5.56 6.75
CA LEU C 35 25.06 -5.41 6.29
C LEU C 35 24.40 -6.69 5.80
N ASP C 36 25.13 -7.79 5.59
CA ASP C 36 24.43 -8.96 5.07
C ASP C 36 25.24 -10.24 5.25
N GLN C 37 24.51 -11.33 5.37
CA GLN C 37 25.04 -12.69 5.37
C GLN C 37 24.28 -13.51 4.35
N VAL C 38 25.00 -14.28 3.55
CA VAL C 38 24.42 -14.99 2.41
C VAL C 38 23.93 -16.37 2.86
N PRO C 39 22.68 -16.73 2.54
CA PRO C 39 22.18 -18.05 2.96
C PRO C 39 22.88 -19.21 2.26
N VAL C 40 23.24 -19.05 0.98
CA VAL C 40 23.77 -20.19 0.25
C VAL C 40 25.21 -20.46 0.65
N ASN C 41 25.92 -19.44 1.13
CA ASN C 41 27.24 -19.60 1.73
C ASN C 41 27.19 -18.89 3.06
N PRO C 42 26.62 -19.52 4.08
CA PRO C 42 26.54 -18.88 5.40
C PRO C 42 27.91 -18.47 5.97
N SER C 43 29.01 -19.06 5.50
CA SER C 43 30.34 -18.63 5.97
C SER C 43 30.69 -17.23 5.50
N LEU C 44 30.01 -16.72 4.47
CA LEU C 44 30.33 -15.43 3.86
C LEU C 44 29.42 -14.34 4.39
N TYR C 45 29.98 -13.14 4.55
CA TYR C 45 29.26 -11.97 5.03
C TYR C 45 29.62 -10.77 4.15
N LEU C 46 28.61 -9.96 3.83
CA LEU C 46 28.84 -8.71 3.12
C LEU C 46 29.16 -7.60 4.12
N ILE C 47 30.16 -6.79 3.81
CA ILE C 47 30.67 -5.78 4.72
C ILE C 47 30.85 -4.46 3.98
N LYS C 48 30.83 -3.37 4.74
CA LYS C 48 31.17 -2.04 4.26
C LYS C 48 31.99 -1.33 5.33
N TYR C 49 33.04 -0.63 4.90
CA TYR C 49 34.00 -0.03 5.81
C TYR C 49 33.85 1.48 5.88
N ASP C 50 34.12 2.01 7.07
CA ASP C 50 34.10 3.47 7.26
C ASP C 50 35.12 4.11 6.34
N GLY C 51 34.67 5.14 5.61
CA GLY C 51 35.54 5.86 4.70
C GLY C 51 35.66 5.28 3.32
N PHE C 52 34.86 4.26 2.99
CA PHE C 52 34.92 3.61 1.69
C PHE C 52 33.52 3.42 1.14
N ASP C 53 33.44 3.00 -0.13
CA ASP C 53 32.16 2.87 -0.84
C ASP C 53 31.99 1.52 -1.53
N CYS C 54 32.95 0.61 -1.45
CA CYS C 54 32.79 -0.70 -2.06
C CYS C 54 32.29 -1.68 -1.01
N VAL C 55 31.18 -2.35 -1.32
CA VAL C 55 30.79 -3.52 -0.53
C VAL C 55 31.78 -4.64 -0.79
N TYR C 56 32.14 -5.35 0.26
CA TYR C 56 33.01 -6.51 0.14
C TYR C 56 32.31 -7.73 0.73
N GLY C 57 32.87 -8.90 0.43
CA GLY C 57 32.41 -10.17 0.97
C GLY C 57 33.57 -11.04 1.40
N LEU C 58 33.55 -11.50 2.64
CA LEU C 58 34.69 -12.23 3.19
C LEU C 58 34.22 -13.27 4.20
N GLU C 59 34.92 -14.41 4.21
CA GLU C 59 34.68 -15.48 5.17
C GLU C 59 35.39 -15.11 6.46
N LEU C 60 34.75 -14.24 7.24
CA LEU C 60 35.41 -13.55 8.34
C LEU C 60 36.10 -14.51 9.30
N ASN C 61 35.51 -15.68 9.52
CA ASN C 61 36.08 -16.64 10.46
C ASN C 61 36.95 -17.71 9.81
N LYS C 62 36.59 -18.14 8.59
CA LYS C 62 37.39 -19.13 7.87
C LYS C 62 38.52 -18.51 7.06
N ASP C 63 38.34 -17.33 6.48
CA ASP C 63 39.39 -16.76 5.62
C ASP C 63 40.68 -16.58 6.41
N GLU C 64 41.70 -17.34 6.04
CA GLU C 64 42.91 -17.50 6.84
C GLU C 64 43.79 -16.25 6.74
N ARG C 65 43.26 -15.19 6.14
CA ARG C 65 43.97 -13.93 6.06
C ARG C 65 43.36 -12.87 6.97
N VAL C 66 42.43 -13.25 7.85
CA VAL C 66 41.77 -12.35 8.78
C VAL C 66 42.02 -12.84 10.20
N SER C 67 42.29 -11.90 11.11
CA SER C 67 42.57 -12.28 12.48
C SER C 67 42.04 -11.22 13.44
N ALA C 68 41.87 -11.64 14.70
CA ALA C 68 41.47 -10.76 15.80
C ALA C 68 40.14 -10.07 15.49
N LEU C 69 39.13 -10.88 15.22
CA LEU C 69 37.81 -10.36 14.90
C LEU C 69 37.12 -9.85 16.17
N GLU C 70 36.67 -8.60 16.12
CA GLU C 70 36.11 -7.92 17.27
C GLU C 70 34.91 -7.08 16.82
N VAL C 71 33.91 -6.97 17.69
CA VAL C 71 32.65 -6.32 17.37
C VAL C 71 32.55 -5.04 18.18
N LEU C 72 32.48 -3.90 17.49
CA LEU C 72 32.47 -2.61 18.14
C LEU C 72 31.17 -2.41 18.92
N PRO C 73 31.22 -1.74 20.08
CA PRO C 73 29.98 -1.40 20.78
C PRO C 73 29.20 -0.29 20.11
N ASP C 74 29.82 0.47 19.21
CA ASP C 74 29.15 1.57 18.54
C ASP C 74 27.90 1.07 17.80
N ARG C 75 26.85 1.88 17.81
CA ARG C 75 25.61 1.54 17.14
C ARG C 75 25.68 1.98 15.68
N VAL C 76 24.82 1.38 14.86
CA VAL C 76 24.85 1.60 13.42
C VAL C 76 24.31 2.99 13.09
N ALA C 77 24.39 3.35 11.81
CA ALA C 77 23.92 4.64 11.34
C ALA C 77 22.44 4.84 11.66
N THR C 78 22.15 5.79 12.54
CA THR C 78 20.79 6.17 12.86
C THR C 78 20.17 7.08 11.80
N SER C 79 20.88 7.33 10.70
CA SER C 79 20.39 8.22 9.67
C SER C 79 19.13 7.65 9.03
N ARG C 80 18.28 8.53 8.51
CA ARG C 80 17.05 8.13 7.85
C ARG C 80 16.95 8.80 6.49
N ILE C 81 16.05 8.25 5.67
CA ILE C 81 15.98 8.57 4.24
C ILE C 81 15.43 9.97 4.05
N SER C 82 16.07 10.73 3.16
CA SER C 82 15.70 12.11 2.87
C SER C 82 14.28 12.21 2.30
N ASP C 83 14.06 11.71 1.10
CA ASP C 83 12.77 11.78 0.44
C ASP C 83 12.28 10.37 0.09
N ALA C 84 11.06 10.05 0.50
CA ALA C 84 10.54 8.70 0.31
C ALA C 84 10.04 8.45 -1.11
N HIS C 85 9.42 9.47 -1.75
CA HIS C 85 8.84 9.28 -3.07
C HIS C 85 9.91 9.01 -4.13
N LEU C 86 10.95 9.85 -4.17
CA LEU C 86 11.92 9.80 -5.26
C LEU C 86 12.59 8.44 -5.36
N ALA C 87 12.85 7.82 -4.21
CA ALA C 87 13.67 6.61 -4.16
C ALA C 87 13.02 5.45 -4.89
N ASP C 88 11.72 5.26 -4.69
CA ASP C 88 11.07 4.06 -5.21
C ASP C 88 10.92 4.11 -6.73
N THR C 89 10.80 5.30 -7.31
CA THR C 89 10.75 5.38 -8.77
C THR C 89 12.16 5.40 -9.38
N MET C 90 13.16 5.93 -8.67
CA MET C 90 14.53 5.87 -9.18
C MET C 90 15.22 4.55 -8.88
N ILE C 91 14.57 3.65 -8.13
CA ILE C 91 15.21 2.43 -7.67
C ILE C 91 15.65 1.50 -8.79
N GLY C 92 15.12 1.67 -10.00
CA GLY C 92 15.39 0.70 -11.04
C GLY C 92 15.78 1.28 -12.37
N LYS C 93 15.92 2.60 -12.44
CA LYS C 93 16.25 3.26 -13.69
C LYS C 93 17.76 3.32 -13.88
N ALA C 94 18.16 3.82 -15.05
CA ALA C 94 19.56 3.94 -15.43
C ALA C 94 19.92 5.42 -15.46
N VAL C 95 21.05 5.75 -14.84
CA VAL C 95 21.44 7.14 -14.63
C VAL C 95 22.95 7.28 -14.80
N GLU C 96 23.40 8.51 -15.01
CA GLU C 96 24.82 8.81 -15.20
C GLU C 96 25.32 9.55 -13.97
N HIS C 97 26.11 8.86 -13.15
CA HIS C 97 26.66 9.43 -11.89
C HIS C 97 27.78 10.39 -12.23
N MET C 98 27.90 11.48 -11.47
CA MET C 98 28.91 12.54 -11.75
C MET C 98 29.94 12.58 -10.64
N PHE C 99 31.24 12.56 -10.97
CA PHE C 99 32.30 12.58 -9.94
C PHE C 99 33.16 13.85 -10.04
N GLU C 100 34.43 13.76 -9.64
CA GLU C 100 35.38 14.90 -9.67
C GLU C 100 36.82 14.38 -9.58
N THR C 101 37.83 15.20 -9.85
CA THR C 101 39.22 14.72 -9.63
C THR C 101 40.04 15.86 -9.02
N GLU C 102 41.27 15.58 -8.62
CA GLU C 102 42.10 16.60 -7.94
C GLU C 102 42.22 17.81 -8.87
N ASP C 103 42.33 17.57 -10.18
CA ASP C 103 42.39 18.62 -11.18
C ASP C 103 41.13 19.46 -11.22
N GLY C 104 40.05 19.01 -10.60
CA GLY C 104 38.77 19.66 -10.70
C GLY C 104 37.98 19.32 -11.95
N SER C 105 38.51 18.44 -12.80
CA SER C 105 37.88 18.10 -14.06
C SER C 105 36.56 17.37 -13.83
N LYS C 106 35.62 17.59 -14.75
CA LYS C 106 34.32 16.94 -14.65
C LYS C 106 34.43 15.46 -15.01
N ASP C 107 33.55 14.66 -14.43
CA ASP C 107 33.54 13.22 -14.64
C ASP C 107 32.10 12.73 -14.59
N GLU C 108 31.81 11.68 -15.36
CA GLU C 108 30.46 11.13 -15.37
C GLU C 108 30.52 9.67 -15.77
N TRP C 109 29.85 8.82 -14.99
CA TRP C 109 29.85 7.38 -15.20
C TRP C 109 28.42 6.90 -15.42
N ARG C 110 28.16 6.26 -16.55
CA ARG C 110 26.88 5.61 -16.78
C ARG C 110 26.79 4.37 -15.88
N GLY C 111 25.76 4.32 -15.05
CA GLY C 111 25.58 3.20 -14.15
C GLY C 111 24.12 2.99 -13.81
N MET C 112 23.85 1.91 -13.10
CA MET C 112 22.49 1.52 -12.75
C MET C 112 22.33 1.42 -11.24
N VAL C 113 21.23 1.94 -10.72
CA VAL C 113 20.94 1.88 -9.26
C VAL C 113 20.06 0.66 -9.03
N LEU C 114 20.47 -0.27 -8.18
CA LEU C 114 19.65 -1.51 -8.02
C LEU C 114 18.59 -1.38 -6.93
N ALA C 115 18.99 -1.19 -5.68
CA ALA C 115 18.00 -1.09 -4.57
C ALA C 115 18.67 -0.49 -3.34
N ARG C 116 17.89 -0.12 -2.33
CA ARG C 116 18.41 0.51 -1.10
C ARG C 116 19.11 -0.50 -0.20
N ALA C 117 20.30 -0.15 0.30
CA ALA C 117 21.17 -0.96 1.19
C ALA C 117 20.47 -1.38 2.49
N PRO C 118 20.75 -2.58 3.06
CA PRO C 118 20.07 -3.08 4.25
C PRO C 118 20.27 -2.51 5.67
N VAL C 119 21.50 -2.35 6.17
CA VAL C 119 21.60 -1.84 7.57
C VAL C 119 21.44 -0.33 7.50
N MET C 120 22.05 0.25 6.48
CA MET C 120 21.95 1.70 6.16
C MET C 120 20.97 1.89 5.00
N ASN C 121 19.76 2.35 5.27
CA ASN C 121 18.70 2.47 4.29
C ASN C 121 18.60 3.88 3.69
N THR C 122 19.58 4.74 4.00
CA THR C 122 19.75 6.00 3.29
C THR C 122 20.73 5.88 2.13
N TRP C 123 21.41 4.75 1.99
CA TRP C 123 22.43 4.54 0.98
C TRP C 123 21.93 3.55 -0.05
N PHE C 124 22.16 3.85 -1.33
CA PHE C 124 21.71 3.02 -2.44
C PHE C 124 22.83 2.12 -2.93
N TYR C 125 22.51 0.84 -3.12
CA TYR C 125 23.34 -0.01 -3.95
C TYR C 125 23.37 0.55 -5.37
N ILE C 126 24.54 0.55 -6.00
CA ILE C 126 24.66 1.03 -7.37
C ILE C 126 25.79 0.28 -8.04
N THR C 127 25.69 0.17 -9.36
CA THR C 127 26.69 -0.50 -10.19
C THR C 127 26.91 0.34 -11.44
N TYR C 128 28.11 0.23 -12.01
CA TYR C 128 28.52 1.05 -13.14
C TYR C 128 28.91 0.17 -14.32
N GLU C 129 29.03 0.81 -15.49
CA GLU C 129 29.16 0.06 -16.74
C GLU C 129 30.58 -0.47 -16.94
N LYS C 130 31.58 0.41 -16.88
CA LYS C 130 32.95 -0.02 -17.08
C LYS C 130 33.51 -0.77 -15.88
N ASP C 131 32.95 -0.57 -14.69
CA ASP C 131 33.38 -1.27 -13.49
C ASP C 131 32.17 -1.95 -12.84
N PRO C 132 31.99 -3.27 -13.05
CA PRO C 132 30.76 -3.95 -12.58
C PRO C 132 30.90 -4.62 -11.22
N VAL C 133 30.93 -3.83 -10.16
CA VAL C 133 30.96 -4.34 -8.81
C VAL C 133 29.97 -3.55 -7.96
N LEU C 134 29.93 -3.89 -6.68
CA LEU C 134 28.94 -3.36 -5.76
C LEU C 134 29.51 -2.15 -5.03
N TYR C 135 28.82 -1.02 -5.14
CA TYR C 135 29.19 0.21 -4.44
C TYR C 135 27.94 0.82 -3.81
N MET C 136 28.13 1.47 -2.67
CA MET C 136 27.07 2.17 -1.95
C MET C 136 27.38 3.66 -1.91
N TYR C 137 26.38 4.48 -2.19
CA TYR C 137 26.51 5.93 -2.09
C TYR C 137 25.23 6.51 -1.53
N GLN C 138 25.30 7.79 -1.17
CA GLN C 138 24.14 8.58 -0.78
C GLN C 138 23.73 9.41 -2.00
N LEU C 139 23.03 8.76 -2.93
CA LEU C 139 22.74 9.40 -4.21
C LEU C 139 21.90 10.65 -4.05
N LEU C 140 21.09 10.73 -2.99
CA LEU C 140 20.27 11.93 -2.79
C LEU C 140 21.14 13.14 -2.53
N ASP C 141 22.21 12.96 -1.75
CA ASP C 141 23.21 14.02 -1.62
C ASP C 141 23.83 14.34 -2.98
N ASP C 142 24.11 13.31 -3.78
CA ASP C 142 24.58 13.52 -5.13
C ASP C 142 23.53 14.17 -6.03
N TYR C 143 22.24 14.04 -5.68
CA TYR C 143 21.20 14.49 -6.59
C TYR C 143 21.14 16.01 -6.68
N LYS C 144 21.00 16.70 -5.54
CA LYS C 144 20.65 18.11 -5.57
C LYS C 144 21.70 18.96 -6.24
N GLU C 145 22.98 18.70 -5.94
CA GLU C 145 24.05 19.45 -6.60
C GLU C 145 24.18 19.14 -8.09
N GLY C 146 23.33 18.26 -8.64
CA GLY C 146 23.35 17.96 -10.06
C GLY C 146 24.28 16.86 -10.48
N ASP C 147 24.80 16.08 -9.53
CA ASP C 147 25.80 15.05 -9.82
C ASP C 147 25.19 13.73 -10.25
N LEU C 148 23.87 13.64 -10.38
CA LEU C 148 23.22 12.43 -10.87
C LEU C 148 22.06 12.82 -11.77
N ARG C 149 22.09 12.37 -13.02
CA ARG C 149 21.11 12.77 -14.02
C ARG C 149 20.22 11.59 -14.40
N ILE C 150 18.92 11.84 -14.48
CA ILE C 150 17.93 10.79 -14.73
C ILE C 150 17.81 10.57 -16.24
N MET C 151 17.86 9.28 -16.64
CA MET C 151 17.65 8.80 -18.00
C MET C 151 16.41 7.92 -18.05
N PRO C 152 15.62 7.99 -19.13
CA PRO C 152 14.23 7.52 -19.07
C PRO C 152 14.09 6.00 -19.14
N ASP C 153 12.86 5.58 -18.85
CA ASP C 153 12.39 4.19 -18.75
C ASP C 153 13.44 3.09 -18.68
N GLU C 163 3.53 -11.10 -18.85
CA GLU C 163 3.95 -12.44 -18.47
C GLU C 163 3.67 -12.72 -16.99
N PRO C 164 2.39 -12.82 -16.64
CA PRO C 164 2.03 -13.08 -15.24
C PRO C 164 2.18 -14.55 -14.90
N GLY C 165 2.13 -14.84 -13.60
CA GLY C 165 2.31 -16.19 -13.12
C GLY C 165 3.74 -16.46 -12.70
N GLU C 166 3.89 -17.22 -11.63
CA GLU C 166 5.21 -17.50 -11.02
C GLU C 166 6.06 -18.39 -11.92
N VAL C 167 7.25 -17.91 -12.30
CA VAL C 167 8.19 -18.68 -13.14
C VAL C 167 9.47 -18.90 -12.35
N VAL C 168 10.01 -20.11 -12.38
CA VAL C 168 11.25 -20.44 -11.61
C VAL C 168 12.41 -19.90 -12.41
N ASP C 169 12.69 -18.61 -12.23
CA ASP C 169 13.75 -17.93 -13.02
C ASP C 169 15.06 -17.82 -12.26
N SER C 170 15.04 -17.71 -10.93
CA SER C 170 16.26 -17.42 -10.17
C SER C 170 17.34 -18.46 -10.43
N LEU C 171 18.58 -17.98 -10.52
CA LEU C 171 19.74 -18.85 -10.65
C LEU C 171 20.59 -18.85 -9.38
N VAL C 172 20.06 -18.36 -8.27
CA VAL C 172 20.82 -18.26 -7.02
C VAL C 172 21.36 -19.63 -6.67
N GLY C 173 22.64 -19.67 -6.33
CA GLY C 173 23.30 -20.91 -5.93
C GLY C 173 23.90 -21.73 -7.04
N LYS C 174 23.88 -21.24 -8.28
CA LYS C 174 24.39 -22.00 -9.41
C LYS C 174 25.84 -21.58 -9.65
N GLN C 175 26.76 -22.53 -9.49
CA GLN C 175 28.18 -22.24 -9.75
C GLN C 175 28.37 -21.85 -11.20
N VAL C 176 29.33 -20.95 -11.43
CA VAL C 176 29.60 -20.43 -12.77
C VAL C 176 31.04 -20.70 -13.14
N GLU C 177 31.26 -21.12 -14.38
CA GLU C 177 32.58 -21.24 -14.99
C GLU C 177 32.61 -20.35 -16.23
N TYR C 178 33.70 -19.57 -16.36
CA TYR C 178 33.75 -18.51 -17.36
C TYR C 178 35.06 -18.56 -18.12
N ALA C 179 35.23 -17.61 -19.04
CA ALA C 179 36.35 -17.62 -19.98
C ALA C 179 37.66 -17.50 -19.22
N LYS C 180 38.61 -18.37 -19.57
CA LYS C 180 39.90 -18.35 -18.90
C LYS C 180 40.70 -17.14 -19.36
N GLU C 181 41.20 -16.37 -18.40
CA GLU C 181 42.22 -15.36 -18.68
C GLU C 181 43.60 -16.03 -18.55
N ASP C 182 43.85 -16.94 -19.50
CA ASP C 182 45.02 -17.81 -19.46
C ASP C 182 45.13 -18.53 -18.13
N GLY C 183 46.21 -18.21 -17.42
CA GLY C 183 46.51 -18.83 -16.14
C GLY C 183 45.52 -18.43 -15.07
N SER C 184 45.11 -17.17 -15.05
CA SER C 184 44.14 -16.70 -14.07
C SER C 184 42.72 -16.96 -14.59
N LYS C 185 41.94 -17.70 -13.81
CA LYS C 185 40.62 -18.15 -14.24
C LYS C 185 39.53 -17.45 -13.45
N ARG C 186 38.28 -17.73 -13.83
CA ARG C 186 37.10 -17.19 -13.17
C ARG C 186 36.25 -18.35 -12.65
N THR C 187 35.92 -18.31 -11.37
CA THR C 187 35.19 -19.39 -10.69
C THR C 187 34.30 -18.74 -9.65
N GLY C 188 33.01 -19.03 -9.68
CA GLY C 188 32.12 -18.30 -8.82
C GLY C 188 30.80 -19.00 -8.59
N MET C 189 29.87 -18.27 -7.98
CA MET C 189 28.60 -18.83 -7.53
C MET C 189 27.58 -17.70 -7.40
N VAL C 190 26.43 -17.85 -8.06
CA VAL C 190 25.38 -16.84 -7.99
C VAL C 190 24.72 -16.87 -6.61
N ILE C 191 24.37 -15.70 -6.08
CA ILE C 191 23.89 -15.61 -4.70
C ILE C 191 22.63 -14.76 -4.54
N HIS C 192 22.25 -14.00 -5.57
CA HIS C 192 21.17 -13.02 -5.37
C HIS C 192 20.45 -12.74 -6.68
N GLN C 193 19.19 -12.32 -6.55
CA GLN C 193 18.37 -11.86 -7.68
C GLN C 193 17.80 -10.49 -7.32
N VAL C 194 18.18 -9.46 -8.08
CA VAL C 194 17.74 -8.10 -7.77
C VAL C 194 16.24 -7.98 -8.02
N GLU C 195 15.55 -7.25 -7.15
CA GLU C 195 14.12 -7.06 -7.31
C GLU C 195 13.79 -6.00 -8.36
N ALA C 196 14.70 -5.05 -8.59
CA ALA C 196 14.48 -4.06 -9.63
C ALA C 196 14.44 -4.70 -11.01
N LYS C 197 15.29 -5.70 -11.24
CA LYS C 197 15.32 -6.41 -12.52
C LYS C 197 15.69 -7.86 -12.21
N PRO C 198 14.73 -8.79 -12.27
CA PRO C 198 15.02 -10.18 -11.85
C PRO C 198 16.12 -10.87 -12.66
N SER C 199 16.72 -10.19 -13.63
CA SER C 199 17.77 -10.74 -14.47
C SER C 199 19.17 -10.35 -14.04
N VAL C 200 19.30 -9.52 -13.00
CA VAL C 200 20.58 -9.01 -12.53
C VAL C 200 20.96 -9.77 -11.26
N TYR C 201 22.10 -10.45 -11.30
CA TYR C 201 22.51 -11.38 -10.25
C TYR C 201 23.86 -10.97 -9.68
N PHE C 202 23.93 -10.81 -8.36
CA PHE C 202 25.21 -10.67 -7.70
C PHE C 202 25.94 -12.00 -7.75
N ILE C 203 27.25 -11.96 -8.02
CA ILE C 203 28.05 -13.16 -8.18
C ILE C 203 29.29 -13.06 -7.29
N LYS C 204 29.54 -14.10 -6.50
CA LYS C 204 30.73 -14.20 -5.67
C LYS C 204 31.71 -15.16 -6.34
N PHE C 205 32.93 -14.68 -6.59
CA PHE C 205 34.01 -15.49 -7.14
C PHE C 205 35.02 -15.77 -6.02
N ASP C 206 35.30 -17.04 -5.76
CA ASP C 206 36.29 -17.38 -4.74
C ASP C 206 37.66 -16.91 -5.18
N ASP C 207 38.51 -16.58 -4.20
CA ASP C 207 39.84 -16.00 -4.40
C ASP C 207 39.73 -14.52 -4.72
N ASP C 208 38.53 -14.04 -5.05
CA ASP C 208 38.29 -12.65 -5.42
C ASP C 208 37.30 -12.07 -4.43
N PHE C 209 37.77 -11.17 -3.58
CA PHE C 209 36.94 -10.60 -2.52
C PHE C 209 36.16 -9.38 -3.03
N HIS C 210 35.32 -9.63 -4.03
CA HIS C 210 34.46 -8.59 -4.59
C HIS C 210 33.10 -9.19 -4.93
N ILE C 211 32.11 -8.29 -5.06
CA ILE C 211 30.74 -8.66 -5.41
C ILE C 211 30.43 -8.04 -6.77
N TYR C 212 30.20 -8.90 -7.76
CA TYR C 212 29.99 -8.47 -9.14
C TYR C 212 28.50 -8.48 -9.47
N VAL C 213 28.01 -7.36 -9.99
CA VAL C 213 26.63 -7.20 -10.42
C VAL C 213 26.61 -7.45 -11.92
N TYR C 214 26.02 -8.56 -12.34
CA TYR C 214 26.00 -8.97 -13.74
C TYR C 214 24.56 -9.23 -14.19
N ASP C 215 24.40 -9.42 -15.49
CA ASP C 215 23.14 -9.81 -16.10
C ASP C 215 23.30 -11.19 -16.70
N LEU C 216 22.48 -12.13 -16.25
CA LEU C 216 22.52 -13.50 -16.75
C LEU C 216 21.43 -13.66 -17.81
N VAL C 217 21.84 -13.90 -19.05
CA VAL C 217 20.89 -13.99 -20.16
C VAL C 217 21.49 -14.78 -21.31
N ALA D 1 30.69 15.54 -6.95
CA ALA D 1 31.05 15.63 -5.51
C ALA D 1 32.10 14.57 -5.18
N ARG D 2 31.69 13.30 -5.21
CA ARG D 2 32.57 12.16 -4.86
C ARG D 2 33.84 12.21 -5.73
N THR D 3 34.99 12.31 -5.07
CA THR D 3 36.33 12.34 -5.70
C THR D 3 36.63 11.04 -6.44
N M3L D 4 35.90 9.97 -6.09
CA M3L D 4 35.96 8.58 -6.66
CB M3L D 4 35.85 8.50 -8.19
CG M3L D 4 36.43 7.23 -8.80
CD M3L D 4 35.49 6.55 -9.77
CE M3L D 4 35.16 5.16 -9.27
NZ M3L D 4 33.88 4.57 -9.83
C M3L D 4 37.12 7.73 -6.14
O M3L D 4 36.99 6.49 -6.16
CM1 M3L D 4 33.96 3.09 -9.83
CM2 M3L D 4 33.71 5.04 -11.23
CM3 M3L D 4 32.73 5.02 -9.02
N GLN D 5 38.16 8.34 -5.57
CA GLN D 5 39.33 7.54 -5.06
C GLN D 5 38.93 6.61 -3.92
N THR D 6 37.85 6.95 -3.22
CA THR D 6 37.32 6.19 -2.06
C THR D 6 36.66 4.88 -2.51
N ALA D 7 36.52 4.65 -3.82
CA ALA D 7 35.80 3.45 -4.28
C ALA D 7 36.48 2.15 -3.83
N ARG D 8 37.81 2.05 -3.92
CA ARG D 8 38.44 0.76 -3.55
C ARG D 8 39.61 0.97 -2.59
N MLY D 9 39.82 0.02 -1.68
CA MLY D 9 40.94 0.07 -0.70
CB MLY D 9 40.96 -1.19 0.16
CG MLY D 9 39.86 -1.30 1.20
CD MLY D 9 40.09 -2.40 2.22
CE MLY D 9 40.60 -3.71 1.65
NZ MLY D 9 39.95 -4.91 2.19
CH1 MLY D 9 40.94 -5.91 2.59
CH2 MLY D 9 39.10 -4.57 3.34
C MLY D 9 42.25 0.17 -1.48
O MLY D 9 42.42 -0.60 -2.44
N SER D 10 43.15 1.06 -1.06
CA SER D 10 44.46 1.25 -1.72
C SER D 10 44.25 1.41 -3.24
N VAL E 4 -25.53 1.53 27.54
CA VAL E 4 -26.45 1.19 26.46
C VAL E 4 -27.81 1.86 26.69
N SER E 5 -27.77 3.17 26.92
CA SER E 5 -28.98 3.97 27.12
C SER E 5 -28.62 5.42 26.87
N GLN E 6 -29.65 6.25 26.66
CA GLN E 6 -29.48 7.65 26.32
C GLN E 6 -30.82 8.35 26.40
N PRO E 7 -30.88 9.59 26.89
CA PRO E 7 -32.17 10.27 27.02
C PRO E 7 -32.87 10.54 25.69
N ARG E 8 -32.15 10.55 24.57
CA ARG E 8 -32.74 10.84 23.28
C ARG E 8 -33.29 9.58 22.64
N ARG E 9 -34.39 9.74 21.90
CA ARG E 9 -35.05 8.63 21.21
C ARG E 9 -34.25 8.31 19.93
N ASN E 10 -33.06 7.75 20.14
CA ASN E 10 -32.20 7.41 19.02
C ASN E 10 -32.78 6.23 18.26
N ILE E 11 -32.89 6.37 16.94
CA ILE E 11 -33.49 5.35 16.10
C ILE E 11 -32.51 4.94 15.00
N VAL E 12 -31.22 4.94 15.33
CA VAL E 12 -30.19 4.45 14.43
C VAL E 12 -30.12 2.94 14.55
N GLY E 13 -30.23 2.24 13.42
CA GLY E 13 -30.36 0.80 13.43
C GLY E 13 -31.69 0.29 13.96
N CYS E 14 -32.66 1.18 14.17
CA CYS E 14 -33.97 0.80 14.68
C CYS E 14 -34.94 0.66 13.51
N ARG E 15 -35.57 -0.51 13.41
CA ARG E 15 -36.58 -0.73 12.39
C ARG E 15 -37.81 0.13 12.68
N ILE E 16 -38.41 0.67 11.62
CA ILE E 16 -39.57 1.55 11.76
C ILE E 16 -40.72 1.00 10.92
N GLN E 17 -41.90 1.56 11.15
CA GLN E 17 -43.10 1.28 10.38
C GLN E 17 -44.04 2.46 10.57
N HIS E 18 -44.39 3.16 9.48
CA HIS E 18 -45.12 4.41 9.65
C HIS E 18 -46.22 4.64 8.64
N GLY E 19 -46.01 4.26 7.39
CA GLY E 19 -47.06 4.58 6.44
C GLY E 19 -46.82 5.91 5.75
N TRP E 20 -47.37 6.05 4.55
CA TRP E 20 -46.89 7.07 3.59
C TRP E 20 -48.04 7.55 2.70
N LYS E 21 -48.45 8.80 2.84
CA LYS E 21 -49.43 9.41 1.95
C LYS E 21 -48.71 10.43 1.07
N GLU E 22 -48.66 10.17 -0.24
CA GLU E 22 -48.12 11.17 -1.15
C GLU E 22 -49.06 12.37 -1.28
N GLY E 23 -50.36 12.16 -1.07
CA GLY E 23 -51.37 13.19 -1.30
C GLY E 23 -52.43 12.73 -2.29
N ASN E 24 -53.70 12.85 -1.89
CA ASN E 24 -54.82 12.42 -2.72
C ASN E 24 -54.74 10.94 -3.06
N GLY E 25 -54.29 10.13 -2.09
CA GLY E 25 -54.11 8.71 -2.31
C GLY E 25 -54.27 7.88 -1.05
N PRO E 26 -54.58 6.58 -1.23
CA PRO E 26 -54.75 5.71 -0.06
C PRO E 26 -53.43 5.41 0.62
N VAL E 27 -53.46 5.32 1.95
CA VAL E 27 -52.23 5.15 2.72
C VAL E 27 -51.75 3.71 2.59
N THR E 28 -50.43 3.53 2.64
CA THR E 28 -49.80 2.22 2.57
C THR E 28 -48.79 2.09 3.70
N GLN E 29 -48.94 1.08 4.54
CA GLN E 29 -48.03 0.89 5.67
C GLN E 29 -46.70 0.33 5.18
N TRP E 30 -45.62 1.06 5.44
CA TRP E 30 -44.27 0.68 5.04
C TRP E 30 -43.43 0.37 6.27
N LYS E 31 -42.55 -0.62 6.16
CA LYS E 31 -41.64 -0.97 7.25
C LYS E 31 -40.24 -1.13 6.72
N GLY E 32 -39.26 -0.56 7.41
CA GLY E 32 -37.87 -0.56 6.98
C GLY E 32 -36.92 -0.50 8.16
N THR E 33 -35.72 0.02 7.91
CA THR E 33 -34.67 0.09 8.92
C THR E 33 -33.89 1.37 8.74
N VAL E 34 -33.88 2.21 9.77
CA VAL E 34 -33.18 3.49 9.70
C VAL E 34 -31.68 3.25 9.69
N LEU E 35 -30.97 4.04 8.88
CA LEU E 35 -29.53 3.92 8.77
C LEU E 35 -28.76 5.09 9.34
N ASP E 36 -29.36 6.28 9.43
CA ASP E 36 -28.55 7.45 9.77
C ASP E 36 -29.41 8.61 10.24
N GLN E 37 -28.69 9.59 10.81
CA GLN E 37 -29.22 10.91 11.13
C GLN E 37 -28.19 11.92 10.63
N VAL E 38 -28.59 12.73 9.65
CA VAL E 38 -27.64 13.63 8.99
C VAL E 38 -27.19 14.71 9.97
N PRO E 39 -25.90 15.10 9.97
CA PRO E 39 -25.44 16.11 10.95
C PRO E 39 -25.80 17.54 10.55
N VAL E 40 -25.46 17.93 9.31
CA VAL E 40 -25.75 19.29 8.86
C VAL E 40 -27.25 19.59 8.93
N ASN E 41 -28.08 18.56 8.96
CA ASN E 41 -29.51 18.70 9.23
C ASN E 41 -29.93 17.53 10.12
N PRO E 42 -30.00 17.74 11.43
CA PRO E 42 -30.34 16.62 12.33
C PRO E 42 -31.69 15.97 12.04
N SER E 43 -32.59 16.65 11.35
CA SER E 43 -33.93 16.13 11.05
C SER E 43 -33.97 15.53 9.65
N LEU E 44 -33.15 14.50 9.45
CA LEU E 44 -33.04 13.85 8.15
C LEU E 44 -32.39 12.48 8.35
N TYR E 45 -33.09 11.42 7.95
CA TYR E 45 -32.70 10.04 8.21
C TYR E 45 -32.60 9.29 6.89
N LEU E 46 -31.52 8.54 6.71
CA LEU E 46 -31.38 7.62 5.57
C LEU E 46 -31.96 6.27 5.98
N ILE E 47 -32.93 5.77 5.19
CA ILE E 47 -33.62 4.54 5.53
C ILE E 47 -33.52 3.56 4.37
N LYS E 48 -33.59 2.28 4.69
CA LYS E 48 -33.63 1.22 3.68
C LYS E 48 -34.85 0.36 3.99
N TYR E 49 -35.75 0.29 3.02
CA TYR E 49 -37.08 -0.30 3.22
C TYR E 49 -37.04 -1.79 2.88
N ASP E 50 -37.62 -2.62 3.74
CA ASP E 50 -37.64 -4.09 3.64
C ASP E 50 -37.94 -4.51 2.19
N GLY E 51 -36.95 -5.11 1.54
CA GLY E 51 -37.09 -5.69 0.20
C GLY E 51 -36.80 -4.73 -0.92
N PHE E 52 -36.85 -3.43 -0.65
CA PHE E 52 -36.44 -2.49 -1.73
C PHE E 52 -34.93 -2.29 -1.58
N ASP E 53 -34.26 -1.89 -2.65
CA ASP E 53 -32.82 -1.73 -2.50
C ASP E 53 -32.36 -0.28 -2.56
N CYS E 54 -33.28 0.68 -2.49
CA CYS E 54 -32.91 2.08 -2.58
C CYS E 54 -32.84 2.72 -1.20
N VAL E 55 -31.95 3.69 -1.05
CA VAL E 55 -31.80 4.46 0.18
C VAL E 55 -32.47 5.82 -0.02
N TYR E 56 -33.27 6.22 0.97
CA TYR E 56 -34.17 7.41 0.90
C TYR E 56 -33.86 8.35 2.06
N GLY E 57 -33.88 9.66 1.83
CA GLY E 57 -33.75 10.65 2.87
C GLY E 57 -35.03 11.43 3.07
N LEU E 58 -35.65 11.28 4.25
CA LEU E 58 -36.89 11.95 4.57
C LEU E 58 -36.83 12.49 5.99
N GLU E 59 -37.36 13.70 6.15
CA GLU E 59 -37.50 14.35 7.46
C GLU E 59 -38.72 13.72 8.13
N LEU E 60 -38.49 12.58 8.77
CA LEU E 60 -39.56 11.66 9.14
C LEU E 60 -40.65 12.35 9.96
N ASN E 61 -40.27 12.97 11.07
CA ASN E 61 -41.26 13.64 11.92
C ASN E 61 -41.77 14.95 11.33
N LYS E 62 -41.01 15.58 10.44
CA LYS E 62 -41.41 16.86 9.85
C LYS E 62 -42.27 16.69 8.61
N ASP E 63 -41.94 15.73 7.75
CA ASP E 63 -42.68 15.54 6.51
C ASP E 63 -44.12 15.15 6.81
N GLU E 64 -45.06 16.02 6.45
CA GLU E 64 -46.47 15.77 6.75
C GLU E 64 -47.04 14.59 5.98
N ARG E 65 -46.34 14.13 4.94
CA ARG E 65 -46.77 12.95 4.22
C ARG E 65 -46.62 11.70 5.08
N VAL E 66 -45.74 11.74 6.08
CA VAL E 66 -45.59 10.53 6.94
C VAL E 66 -46.64 10.57 8.05
N SER E 67 -46.97 9.42 8.61
CA SER E 67 -47.95 9.32 9.73
C SER E 67 -47.61 8.09 10.57
N ALA E 68 -48.04 8.11 11.85
CA ALA E 68 -47.88 7.05 12.88
C ALA E 68 -46.44 6.94 13.41
N LEU E 69 -45.48 6.66 12.52
CA LEU E 69 -44.05 6.53 12.93
C LEU E 69 -43.89 5.52 14.07
N GLU E 70 -44.41 4.30 13.91
CA GLU E 70 -44.22 3.25 14.95
C GLU E 70 -42.80 2.70 14.83
N VAL E 71 -42.27 2.12 15.91
CA VAL E 71 -40.92 1.50 15.88
C VAL E 71 -41.08 0.03 16.27
N LEU E 72 -40.54 -0.88 15.46
CA LEU E 72 -40.76 -2.30 15.67
C LEU E 72 -39.88 -2.82 16.81
N PRO E 73 -40.34 -3.86 17.51
CA PRO E 73 -39.46 -4.56 18.47
C PRO E 73 -38.46 -5.48 17.80
N ASP E 74 -38.61 -5.74 16.50
CA ASP E 74 -37.70 -6.65 15.81
C ASP E 74 -36.28 -6.09 15.80
N ARG E 75 -35.32 -6.98 15.98
CA ARG E 75 -33.90 -6.63 15.97
C ARG E 75 -33.29 -7.09 14.67
N VAL E 76 -32.54 -6.19 14.01
CA VAL E 76 -31.91 -6.53 12.75
C VAL E 76 -30.87 -7.61 12.95
N ALA E 77 -30.86 -8.60 12.06
CA ALA E 77 -29.86 -9.66 12.12
C ALA E 77 -28.47 -9.10 11.90
N THR E 78 -27.71 -8.94 12.98
CA THR E 78 -26.36 -8.40 12.91
C THR E 78 -25.34 -9.52 12.79
N SER E 79 -25.46 -10.26 11.69
CA SER E 79 -24.48 -11.28 11.37
C SER E 79 -23.16 -10.63 10.98
N ARG E 80 -22.05 -11.29 11.31
CA ARG E 80 -20.69 -10.74 11.01
C ARG E 80 -20.32 -11.03 9.55
N ILE E 81 -19.28 -10.36 9.04
CA ILE E 81 -18.84 -10.54 7.63
C ILE E 81 -18.10 -11.87 7.49
N SER E 82 -18.48 -12.66 6.48
CA SER E 82 -17.87 -13.97 6.21
C SER E 82 -16.40 -13.86 5.81
N ASP E 83 -16.07 -12.93 4.91
CA ASP E 83 -14.69 -12.82 4.39
C ASP E 83 -13.97 -11.64 5.06
N ALA E 84 -14.38 -10.43 4.68
CA ALA E 84 -13.97 -9.07 5.13
C ALA E 84 -12.66 -8.61 4.47
N HIS E 85 -12.06 -9.47 3.65
CA HIS E 85 -10.79 -9.17 2.96
C HIS E 85 -11.15 -8.58 1.60
N LEU E 86 -11.98 -9.30 0.85
CA LEU E 86 -12.40 -8.78 -0.44
C LEU E 86 -13.00 -7.38 -0.32
N ALA E 87 -13.75 -7.13 0.75
CA ALA E 87 -14.41 -5.84 0.91
C ALA E 87 -13.42 -4.68 0.96
N ASP E 88 -12.28 -4.88 1.64
CA ASP E 88 -11.29 -3.81 1.77
C ASP E 88 -10.76 -3.38 0.41
N THR E 89 -10.56 -4.33 -0.50
CA THR E 89 -10.09 -4.00 -1.85
C THR E 89 -11.22 -3.49 -2.73
N MET E 90 -12.38 -4.15 -2.67
CA MET E 90 -13.47 -3.88 -3.60
C MET E 90 -14.05 -2.48 -3.42
N ILE E 91 -14.09 -1.99 -2.18
CA ILE E 91 -14.65 -0.67 -1.92
C ILE E 91 -13.88 0.38 -2.71
N GLY E 92 -14.61 1.26 -3.38
CA GLY E 92 -13.99 2.35 -4.11
C GLY E 92 -13.42 1.98 -5.45
N LYS E 93 -13.81 0.83 -6.01
CA LYS E 93 -13.39 0.41 -7.33
C LYS E 93 -14.60 0.43 -8.26
N ALA E 94 -14.40 0.97 -9.47
CA ALA E 94 -15.49 1.09 -10.43
C ALA E 94 -15.95 -0.27 -10.91
N VAL E 95 -17.27 -0.45 -11.05
CA VAL E 95 -17.86 -1.74 -11.33
C VAL E 95 -18.79 -1.64 -12.53
N GLU E 96 -19.03 -2.79 -13.16
CA GLU E 96 -20.12 -2.96 -14.12
C GLU E 96 -21.03 -4.05 -13.57
N HIS E 97 -22.27 -3.67 -13.28
CA HIS E 97 -23.18 -4.49 -12.48
C HIS E 97 -24.18 -5.19 -13.39
N MET E 98 -24.31 -6.50 -13.23
CA MET E 98 -25.21 -7.28 -14.06
C MET E 98 -26.61 -7.28 -13.46
N PHE E 99 -27.59 -6.89 -14.26
CA PHE E 99 -29.00 -6.97 -13.94
C PHE E 99 -29.68 -7.92 -14.94
N GLU E 100 -31.01 -7.92 -14.94
CA GLU E 100 -31.76 -8.69 -15.93
C GLU E 100 -33.14 -8.07 -16.09
N THR E 101 -33.73 -8.29 -17.26
CA THR E 101 -35.08 -7.83 -17.55
C THR E 101 -36.08 -8.88 -17.07
N GLU E 102 -37.35 -8.70 -17.44
CA GLU E 102 -38.36 -9.72 -17.17
C GLU E 102 -38.10 -10.99 -17.95
N ASP E 103 -37.70 -10.85 -19.22
CA ASP E 103 -37.39 -11.99 -20.08
C ASP E 103 -36.05 -12.62 -19.76
N GLY E 104 -35.27 -12.04 -18.86
CA GLY E 104 -33.97 -12.60 -18.54
C GLY E 104 -32.85 -12.19 -19.45
N SER E 105 -33.03 -11.13 -20.24
CA SER E 105 -31.94 -10.62 -21.07
C SER E 105 -30.85 -10.02 -20.19
N LYS E 106 -29.60 -10.32 -20.54
CA LYS E 106 -28.45 -9.81 -19.79
C LYS E 106 -28.46 -8.29 -19.78
N ASP E 107 -28.11 -7.73 -18.63
CA ASP E 107 -28.10 -6.29 -18.42
C ASP E 107 -26.81 -5.90 -17.71
N GLU E 108 -26.34 -4.67 -17.98
CA GLU E 108 -25.12 -4.19 -17.36
C GLU E 108 -25.23 -2.71 -17.09
N TRP E 109 -24.85 -2.30 -15.87
CA TRP E 109 -24.81 -0.89 -15.49
C TRP E 109 -23.45 -0.59 -14.89
N ARG E 110 -22.79 0.43 -15.42
CA ARG E 110 -21.48 0.83 -14.91
C ARG E 110 -21.66 1.69 -13.65
N GLY E 111 -21.01 1.30 -12.56
CA GLY E 111 -21.15 2.04 -11.32
C GLY E 111 -19.97 1.80 -10.40
N MET E 112 -20.09 2.35 -9.17
CA MET E 112 -19.01 2.32 -8.20
C MET E 112 -19.52 1.84 -6.85
N VAL E 113 -18.73 0.96 -6.21
CA VAL E 113 -19.02 0.53 -4.84
C VAL E 113 -18.53 1.63 -3.91
N LEU E 114 -19.47 2.37 -3.31
CA LEU E 114 -19.11 3.50 -2.47
C LEU E 114 -18.43 3.02 -1.19
N ALA E 115 -19.20 2.36 -0.33
CA ALA E 115 -18.67 1.87 0.93
C ALA E 115 -19.64 0.89 1.52
N ARG E 116 -19.18 0.16 2.52
CA ARG E 116 -20.05 -0.81 3.18
C ARG E 116 -21.04 -0.09 4.09
N ALA E 117 -22.21 -0.71 4.25
CA ALA E 117 -23.34 -0.08 4.90
C ALA E 117 -23.08 0.11 6.40
N PRO E 118 -23.80 1.05 7.04
CA PRO E 118 -23.60 1.30 8.47
C PRO E 118 -24.08 0.20 9.39
N VAL E 119 -25.34 -0.21 9.27
CA VAL E 119 -25.96 -1.15 10.18
C VAL E 119 -26.05 -2.54 9.58
N MET E 120 -26.42 -2.64 8.30
CA MET E 120 -26.49 -3.92 7.61
C MET E 120 -25.17 -4.11 6.86
N ASN E 121 -24.14 -4.52 7.62
CA ASN E 121 -22.78 -4.59 7.10
C ASN E 121 -22.65 -5.55 5.93
N THR E 122 -23.53 -6.54 5.81
CA THR E 122 -23.50 -7.41 4.64
C THR E 122 -23.94 -6.65 3.39
N TRP E 123 -24.93 -5.77 3.52
CA TRP E 123 -25.35 -4.97 2.38
C TRP E 123 -24.34 -3.87 2.11
N PHE E 124 -24.35 -3.38 0.86
CA PHE E 124 -23.33 -2.45 0.40
C PHE E 124 -23.95 -1.27 -0.33
N TYR E 125 -23.40 -0.07 -0.08
CA TYR E 125 -23.74 1.11 -0.86
C TYR E 125 -23.21 0.96 -2.29
N ILE E 126 -23.90 1.62 -3.23
CA ILE E 126 -23.48 1.60 -4.62
C ILE E 126 -24.12 2.79 -5.33
N THR E 127 -23.46 3.28 -6.37
CA THR E 127 -23.96 4.36 -7.20
C THR E 127 -23.64 4.03 -8.65
N TYR E 128 -24.26 4.75 -9.59
CA TYR E 128 -24.21 4.35 -10.98
C TYR E 128 -24.07 5.55 -11.90
N GLU E 129 -23.78 5.27 -13.17
CA GLU E 129 -23.36 6.30 -14.11
C GLU E 129 -24.53 7.00 -14.77
N LYS E 130 -25.55 6.25 -15.19
CA LYS E 130 -26.74 6.84 -15.79
C LYS E 130 -27.83 7.14 -14.78
N ASP E 131 -27.84 6.46 -13.64
CA ASP E 131 -28.80 6.70 -12.56
C ASP E 131 -28.04 6.83 -11.26
N PRO E 132 -27.72 8.07 -10.83
CA PRO E 132 -26.92 8.25 -9.61
C PRO E 132 -27.76 8.47 -8.37
N VAL E 133 -28.10 7.39 -7.66
CA VAL E 133 -28.78 7.49 -6.38
C VAL E 133 -28.16 6.47 -5.43
N LEU E 134 -28.41 6.67 -4.14
CA LEU E 134 -27.86 5.78 -3.13
C LEU E 134 -28.65 4.47 -3.11
N TYR E 135 -27.94 3.36 -3.26
CA TYR E 135 -28.55 2.04 -3.30
C TYR E 135 -27.87 1.13 -2.29
N MET E 136 -28.55 0.03 -1.97
CA MET E 136 -28.03 -0.96 -1.04
C MET E 136 -28.19 -2.35 -1.64
N TYR E 137 -27.08 -3.06 -1.76
CA TYR E 137 -27.09 -4.44 -2.22
C TYR E 137 -26.14 -5.26 -1.35
N GLN E 138 -26.42 -6.55 -1.28
CA GLN E 138 -25.43 -7.50 -0.77
C GLN E 138 -24.48 -7.84 -1.92
N LEU E 139 -23.74 -6.81 -2.33
CA LEU E 139 -22.79 -6.97 -3.46
C LEU E 139 -21.86 -8.14 -3.18
N LEU E 140 -21.79 -8.57 -1.93
CA LEU E 140 -20.94 -9.75 -1.68
C LEU E 140 -21.60 -10.93 -2.39
N ASP E 141 -22.92 -11.05 -2.22
CA ASP E 141 -23.72 -12.15 -2.81
C ASP E 141 -23.74 -12.02 -4.33
N ASP E 142 -23.85 -10.79 -4.84
CA ASP E 142 -23.92 -10.61 -6.30
C ASP E 142 -22.67 -11.18 -6.95
N TYR E 143 -21.48 -10.92 -6.38
CA TYR E 143 -20.22 -11.40 -7.01
C TYR E 143 -19.90 -12.85 -6.63
N LYS E 144 -20.80 -13.78 -6.93
CA LYS E 144 -20.54 -15.22 -6.73
C LYS E 144 -21.24 -15.99 -7.86
N GLU E 145 -22.18 -15.32 -8.53
CA GLU E 145 -22.91 -15.88 -9.69
C GLU E 145 -22.38 -15.21 -10.97
N GLY E 146 -21.38 -14.33 -10.83
CA GLY E 146 -20.79 -13.64 -12.00
C GLY E 146 -21.60 -12.43 -12.42
N ASP E 147 -22.17 -11.73 -11.44
CA ASP E 147 -22.99 -10.55 -11.63
C ASP E 147 -22.22 -9.25 -11.40
N LEU E 148 -20.89 -9.33 -11.19
CA LEU E 148 -20.11 -8.16 -10.84
C LEU E 148 -18.68 -8.34 -11.33
N ARG E 149 -18.15 -7.31 -11.98
CA ARG E 149 -16.77 -7.28 -12.44
C ARG E 149 -16.32 -5.82 -12.43
N ILE E 150 -15.04 -5.60 -12.10
CA ILE E 150 -14.58 -4.31 -11.61
C ILE E 150 -13.37 -3.76 -12.36
N MET E 151 -12.84 -4.49 -13.34
CA MET E 151 -11.64 -4.11 -14.11
C MET E 151 -10.58 -3.38 -13.29
N GLU E 163 -2.81 12.78 -1.92
CA GLU E 163 -1.93 13.90 -1.61
C GLU E 163 -1.21 13.69 -0.29
N PRO E 164 0.00 14.24 -0.15
CA PRO E 164 0.71 14.16 1.13
C PRO E 164 0.41 15.35 2.02
N GLY E 165 -0.06 15.10 3.24
CA GLY E 165 -0.43 16.19 4.11
C GLY E 165 -1.92 16.43 4.15
N GLU E 166 -2.45 16.72 5.33
CA GLU E 166 -3.89 16.95 5.48
C GLU E 166 -4.29 18.24 4.77
N VAL E 167 -5.34 18.15 3.97
CA VAL E 167 -5.87 19.27 3.23
C VAL E 167 -7.34 19.43 3.60
N VAL E 168 -7.77 20.68 3.75
CA VAL E 168 -9.20 20.95 3.90
C VAL E 168 -9.88 20.59 2.58
N ASP E 169 -10.70 19.54 2.62
CA ASP E 169 -11.17 18.87 1.43
C ASP E 169 -12.67 18.99 1.22
N SER E 170 -13.48 18.57 2.19
CA SER E 170 -14.89 18.34 1.96
C SER E 170 -15.67 19.64 1.76
N LEU E 171 -16.57 19.63 0.78
CA LEU E 171 -17.60 20.66 0.64
C LEU E 171 -18.88 20.29 1.38
N VAL E 172 -18.78 19.41 2.38
CA VAL E 172 -19.96 18.88 3.06
C VAL E 172 -20.72 20.00 3.75
N GLY E 173 -22.02 20.08 3.49
CA GLY E 173 -22.88 21.01 4.18
C GLY E 173 -23.10 22.35 3.51
N LYS E 174 -22.67 22.51 2.25
CA LYS E 174 -22.89 23.74 1.51
C LYS E 174 -24.07 23.57 0.57
N GLN E 175 -24.94 24.57 0.54
CA GLN E 175 -26.15 24.51 -0.28
C GLN E 175 -25.81 24.82 -1.74
N VAL E 176 -26.33 24.00 -2.65
CA VAL E 176 -26.01 24.10 -4.06
C VAL E 176 -27.28 24.22 -4.88
N GLU E 177 -27.13 24.74 -6.09
CA GLU E 177 -28.20 24.86 -7.06
C GLU E 177 -27.64 24.59 -8.44
N TYR E 178 -28.31 23.75 -9.22
CA TYR E 178 -27.79 23.30 -10.50
C TYR E 178 -28.90 23.34 -11.55
N ALA E 179 -28.48 23.56 -12.80
CA ALA E 179 -29.37 23.53 -13.94
C ALA E 179 -28.58 23.08 -15.17
N LYS E 180 -29.30 22.57 -16.16
CA LYS E 180 -28.68 22.02 -17.35
C LYS E 180 -29.55 22.39 -18.56
N GLU E 181 -28.88 22.77 -19.65
CA GLU E 181 -29.52 23.36 -20.81
C GLU E 181 -30.51 24.44 -20.40
N ASP E 182 -31.78 24.22 -20.68
CA ASP E 182 -32.84 25.15 -20.32
C ASP E 182 -33.79 24.48 -19.34
N GLY E 183 -34.16 25.23 -18.31
CA GLY E 183 -35.03 24.72 -17.28
C GLY E 183 -34.31 23.73 -16.38
N SER E 184 -35.14 22.99 -15.64
CA SER E 184 -34.67 21.98 -14.69
C SER E 184 -33.71 22.58 -13.67
N LYS E 185 -34.18 23.62 -12.99
CA LYS E 185 -33.42 24.27 -11.93
C LYS E 185 -33.77 23.65 -10.59
N ARG E 186 -32.74 23.24 -9.84
CA ARG E 186 -32.93 22.51 -8.60
C ARG E 186 -32.03 23.09 -7.52
N THR E 187 -32.51 23.03 -6.28
CA THR E 187 -31.77 23.51 -5.12
C THR E 187 -31.53 22.35 -4.17
N GLY E 188 -30.35 22.31 -3.55
CA GLY E 188 -30.04 21.20 -2.66
C GLY E 188 -28.82 21.51 -1.81
N MET E 189 -28.47 20.53 -0.97
CA MET E 189 -27.35 20.66 -0.03
C MET E 189 -26.53 19.38 0.00
N VAL E 190 -25.21 19.54 0.01
CA VAL E 190 -24.28 18.42 0.11
C VAL E 190 -24.23 17.91 1.54
N ILE E 191 -24.09 16.59 1.71
CA ILE E 191 -24.31 16.00 3.04
C ILE E 191 -23.13 15.18 3.55
N HIS E 192 -22.31 14.61 2.66
CA HIS E 192 -21.31 13.68 3.14
C HIS E 192 -20.33 13.34 2.02
N GLN E 193 -19.06 13.22 2.37
CA GLN E 193 -18.01 12.83 1.43
C GLN E 193 -17.69 11.35 1.62
N VAL E 194 -17.55 10.64 0.50
CA VAL E 194 -17.30 9.20 0.56
C VAL E 194 -15.84 8.96 0.97
N GLU E 195 -15.62 7.91 1.76
CA GLU E 195 -14.27 7.63 2.24
C GLU E 195 -13.37 7.15 1.10
N ALA E 196 -13.93 6.39 0.15
CA ALA E 196 -13.08 5.77 -0.86
C ALA E 196 -12.56 6.79 -1.87
N LYS E 197 -13.34 7.83 -2.15
CA LYS E 197 -12.90 8.87 -3.07
C LYS E 197 -13.41 10.21 -2.56
N PRO E 198 -12.51 11.09 -2.11
CA PRO E 198 -12.96 12.33 -1.45
C PRO E 198 -13.75 13.28 -2.35
N SER E 199 -13.77 13.08 -3.67
CA SER E 199 -14.45 13.98 -4.59
C SER E 199 -15.94 13.67 -4.76
N VAL E 200 -16.43 12.58 -4.19
CA VAL E 200 -17.80 12.13 -4.40
C VAL E 200 -18.59 12.41 -3.13
N TYR E 201 -19.72 13.09 -3.28
CA TYR E 201 -20.50 13.59 -2.15
C TYR E 201 -21.97 13.25 -2.34
N PHE E 202 -22.58 12.67 -1.31
CA PHE E 202 -24.03 12.51 -1.32
C PHE E 202 -24.68 13.88 -1.25
N ILE E 203 -25.60 14.17 -2.17
CA ILE E 203 -26.30 15.44 -2.20
C ILE E 203 -27.79 15.19 -2.00
N LYS E 204 -28.43 16.03 -1.20
CA LYS E 204 -29.86 15.93 -0.90
C LYS E 204 -30.56 17.15 -1.47
N PHE E 205 -31.51 16.93 -2.38
CA PHE E 205 -32.33 17.99 -2.92
C PHE E 205 -33.68 18.01 -2.20
N ASP E 206 -34.07 19.17 -1.70
CA ASP E 206 -35.37 19.28 -1.05
C ASP E 206 -36.49 19.07 -2.06
N ASP E 207 -37.62 18.56 -1.57
CA ASP E 207 -38.75 18.19 -2.42
C ASP E 207 -38.33 17.18 -3.49
N ASP E 208 -37.46 16.25 -3.11
CA ASP E 208 -36.98 15.23 -4.03
C ASP E 208 -36.87 13.85 -3.39
N PHE E 209 -36.70 13.80 -2.07
CA PHE E 209 -36.65 12.53 -1.29
C PHE E 209 -35.77 11.46 -1.93
N HIS E 210 -34.67 11.88 -2.55
CA HIS E 210 -33.70 10.95 -3.12
C HIS E 210 -32.30 11.47 -2.89
N ILE E 211 -31.40 10.58 -2.49
CA ILE E 211 -29.99 10.92 -2.29
C ILE E 211 -29.24 10.54 -3.56
N TYR E 212 -28.59 11.52 -4.17
CA TYR E 212 -27.79 11.29 -5.36
C TYR E 212 -26.31 11.29 -5.00
N VAL E 213 -25.52 10.60 -5.82
CA VAL E 213 -24.07 10.55 -5.67
C VAL E 213 -23.45 11.17 -6.92
N TYR E 214 -22.75 12.30 -6.74
CA TYR E 214 -22.12 13.02 -7.82
C TYR E 214 -20.62 13.17 -7.54
N ASP E 215 -19.84 13.26 -8.62
CA ASP E 215 -18.41 13.53 -8.53
C ASP E 215 -18.23 15.05 -8.66
N LEU E 216 -17.97 15.71 -7.54
CA LEU E 216 -17.82 17.16 -7.49
C LEU E 216 -16.33 17.50 -7.49
N VAL E 217 -15.85 17.92 -8.65
CA VAL E 217 -14.43 18.35 -8.78
C VAL E 217 -14.41 19.55 -9.73
N LYS E 218 -15.57 20.19 -9.93
CA LYS E 218 -15.68 21.35 -10.84
C LYS E 218 -15.14 20.91 -12.20
N THR E 219 -14.18 21.66 -12.75
CA THR E 219 -13.55 21.31 -14.05
C THR E 219 -12.18 20.68 -13.78
N SER E 220 -11.50 21.06 -12.70
CA SER E 220 -10.18 20.52 -12.36
C SER E 220 -10.22 19.01 -12.23
N ALA F 1 -28.48 -12.45 -10.58
CA ALA F 1 -29.41 -11.83 -11.53
C ALA F 1 -30.49 -11.06 -10.78
N ARG F 2 -30.12 -9.92 -10.20
CA ARG F 2 -31.10 -9.08 -9.55
C ARG F 2 -32.01 -8.42 -10.58
N THR F 3 -33.06 -7.78 -10.08
CA THR F 3 -34.00 -7.12 -10.95
C THR F 3 -34.09 -5.64 -10.65
N M3L F 4 -33.86 -4.84 -11.68
CA M3L F 4 -33.88 -3.36 -11.57
CB M3L F 4 -33.47 -2.77 -12.92
CG M3L F 4 -33.29 -1.26 -12.95
CD M3L F 4 -32.52 -0.73 -11.76
CE M3L F 4 -31.39 0.18 -12.21
NZ M3L F 4 -30.66 0.90 -11.11
C M3L F 4 -35.30 -2.92 -11.24
O M3L F 4 -35.49 -1.78 -10.84
CM1 M3L F 4 -31.25 2.23 -10.89
CM2 M3L F 4 -29.24 1.07 -11.48
CM3 M3L F 4 -30.72 0.12 -9.87
N GLN F 5 -36.26 -3.83 -11.40
CA GLN F 5 -37.69 -3.54 -11.14
C GLN F 5 -37.89 -3.17 -9.67
N THR F 6 -37.15 -3.85 -8.79
CA THR F 6 -37.20 -3.71 -7.31
C THR F 6 -36.38 -2.51 -6.81
N ALA F 7 -35.72 -1.78 -7.72
CA ALA F 7 -34.87 -0.61 -7.34
C ALA F 7 -35.54 0.28 -6.30
N ARG F 8 -36.72 0.85 -6.56
CA ARG F 8 -37.21 1.81 -5.53
C ARG F 8 -38.72 1.69 -5.36
N MLY F 9 -39.27 2.49 -4.44
CA MLY F 9 -40.74 2.49 -4.21
CB MLY F 9 -41.05 3.24 -2.91
CG MLY F 9 -40.11 3.01 -1.75
CD MLY F 9 -40.58 3.65 -0.47
CE MLY F 9 -41.80 4.54 -0.64
NZ MLY F 9 -41.65 5.87 -0.04
CH1 MLY F 9 -40.83 5.77 1.18
CH2 MLY F 9 -42.95 6.45 0.29
C MLY F 9 -41.49 3.19 -5.35
O MLY F 9 -41.10 4.31 -5.72
N SER F 10 -42.53 2.54 -5.85
CA SER F 10 -43.42 3.05 -6.89
C SER F 10 -42.61 3.47 -8.12
N PRO G 3 2.44 18.64 -11.65
CA PRO G 3 1.48 19.75 -11.54
C PRO G 3 2.19 20.95 -12.14
N VAL G 4 2.07 21.21 -13.44
CA VAL G 4 2.88 22.33 -13.99
C VAL G 4 2.08 23.49 -14.60
N SER G 5 0.75 23.44 -14.72
CA SER G 5 0.03 24.59 -15.32
C SER G 5 -1.42 24.65 -14.85
N GLN G 6 -2.09 25.81 -14.87
CA GLN G 6 -3.50 25.82 -14.40
C GLN G 6 -4.30 26.96 -15.05
N PRO G 7 -5.63 26.84 -15.20
CA PRO G 7 -6.48 27.85 -15.81
C PRO G 7 -6.73 29.16 -15.07
N ARG G 8 -6.95 29.08 -13.75
CA ARG G 8 -7.28 30.30 -12.95
C ARG G 8 -6.21 30.45 -11.87
N ARG G 9 -6.02 31.67 -11.37
CA ARG G 9 -4.90 31.89 -10.42
C ARG G 9 -5.06 30.99 -9.20
N ASN G 10 -4.00 30.24 -8.91
CA ASN G 10 -4.00 29.37 -7.72
C ASN G 10 -3.11 30.11 -6.74
N ILE G 11 -3.67 30.61 -5.65
CA ILE G 11 -2.83 31.35 -4.68
C ILE G 11 -2.18 30.29 -3.79
N VAL G 12 -2.93 29.25 -3.47
CA VAL G 12 -2.42 28.21 -2.58
C VAL G 12 -1.11 27.63 -3.12
N GLY G 13 -0.15 27.45 -2.23
CA GLY G 13 1.16 26.99 -2.62
C GLY G 13 2.12 28.08 -3.05
N CYS G 14 1.73 29.34 -2.93
CA CYS G 14 2.58 30.47 -3.32
C CYS G 14 2.82 31.38 -2.14
N ARG G 15 4.07 31.81 -1.99
CA ARG G 15 4.42 32.78 -0.96
C ARG G 15 3.84 34.14 -1.32
N ILE G 16 3.45 34.90 -0.29
CA ILE G 16 2.80 36.19 -0.47
C ILE G 16 3.46 37.20 0.46
N GLN G 17 3.30 38.47 0.10
CA GLN G 17 3.84 39.57 0.88
C GLN G 17 2.81 40.71 0.87
N HIS G 18 2.44 41.18 2.05
CA HIS G 18 1.40 42.20 2.18
C HIS G 18 1.57 42.95 3.49
N GLY G 19 0.77 44.00 3.65
CA GLY G 19 0.83 44.86 4.83
C GLY G 19 -0.44 44.72 5.66
N TRP G 20 -0.26 44.74 6.98
CA TRP G 20 -1.35 44.50 7.93
C TRP G 20 -1.48 45.71 8.85
N LYS G 21 -2.60 46.42 8.73
CA LYS G 21 -2.92 47.54 9.59
C LYS G 21 -3.98 47.10 10.58
N GLU G 22 -3.64 47.09 11.88
CA GLU G 22 -4.58 46.67 12.90
C GLU G 22 -5.76 47.63 13.06
N GLY G 23 -5.66 48.84 12.52
CA GLY G 23 -6.71 49.82 12.67
C GLY G 23 -6.26 51.03 13.45
N ASN G 24 -5.97 52.12 12.76
CA ASN G 24 -5.39 53.32 13.36
C ASN G 24 -4.11 52.97 14.11
N GLY G 25 -3.24 52.24 13.40
CA GLY G 25 -1.99 51.78 13.96
C GLY G 25 -0.93 51.63 12.89
N PRO G 26 0.13 50.88 13.21
CA PRO G 26 1.28 50.78 12.31
C PRO G 26 1.05 49.75 11.20
N VAL G 27 1.36 50.12 9.97
CA VAL G 27 1.35 49.20 8.84
C VAL G 27 2.72 48.51 8.81
N THR G 28 2.71 47.19 8.97
CA THR G 28 3.92 46.40 9.04
C THR G 28 3.87 45.26 8.02
N GLN G 29 4.92 45.13 7.23
CA GLN G 29 4.97 44.15 6.16
C GLN G 29 5.13 42.73 6.72
N TRP G 30 4.52 41.77 6.03
CA TRP G 30 4.58 40.37 6.43
C TRP G 30 4.76 39.49 5.21
N LYS G 31 5.30 38.30 5.43
CA LYS G 31 5.61 37.35 4.35
C LYS G 31 5.47 35.92 4.86
N GLY G 32 4.56 35.16 4.27
CA GLY G 32 4.32 33.77 4.70
C GLY G 32 3.97 32.86 3.54
N THR G 33 4.03 31.55 3.76
CA THR G 33 3.70 30.52 2.75
C THR G 33 2.24 30.15 2.91
N VAL G 34 1.36 30.48 1.96
CA VAL G 34 -0.08 30.17 2.17
C VAL G 34 -0.26 28.65 2.23
N LEU G 35 -1.11 28.13 3.12
CA LEU G 35 -1.22 26.67 3.29
C LEU G 35 -2.38 26.00 2.53
N ASP G 36 -3.61 26.49 2.70
CA ASP G 36 -4.78 25.80 2.09
C ASP G 36 -5.95 26.78 2.02
N GLN G 37 -6.94 26.49 1.19
CA GLN G 37 -8.14 27.30 1.01
C GLN G 37 -9.36 26.43 1.36
N VAL G 38 -10.24 26.97 2.17
CA VAL G 38 -11.42 26.21 2.60
C VAL G 38 -12.44 26.15 1.48
N PRO G 39 -13.13 25.02 1.25
CA PRO G 39 -14.14 24.98 0.19
C PRO G 39 -15.51 25.50 0.61
N VAL G 40 -15.84 25.42 1.90
CA VAL G 40 -17.09 25.99 2.39
C VAL G 40 -17.14 27.48 2.09
N ASN G 41 -16.02 28.17 2.30
CA ASN G 41 -15.88 29.59 1.98
C ASN G 41 -14.62 29.72 1.12
N PRO G 42 -14.78 29.85 -0.20
CA PRO G 42 -13.60 29.92 -1.08
C PRO G 42 -12.82 31.22 -0.96
N SER G 43 -13.37 32.22 -0.27
CA SER G 43 -12.74 33.51 -0.09
C SER G 43 -11.93 33.60 1.20
N LEU G 44 -11.47 32.46 1.72
CA LEU G 44 -10.67 32.42 2.94
C LEU G 44 -9.53 31.45 2.73
N TYR G 45 -8.40 31.71 3.40
CA TYR G 45 -7.19 30.91 3.23
C TYR G 45 -6.62 30.52 4.59
N LEU G 46 -5.63 29.62 4.55
CA LEU G 46 -4.85 29.25 5.71
C LEU G 46 -3.39 29.64 5.44
N ILE G 47 -2.86 30.53 6.27
CA ILE G 47 -1.56 31.14 6.03
C ILE G 47 -0.62 30.81 7.18
N LYS G 48 0.63 30.55 6.84
CA LYS G 48 1.70 30.37 7.82
C LYS G 48 2.77 31.40 7.49
N TYR G 49 3.07 32.26 8.46
CA TYR G 49 4.00 33.35 8.20
C TYR G 49 5.43 32.92 8.52
N ASP G 50 6.38 33.67 7.95
CA ASP G 50 7.78 33.24 7.86
C ASP G 50 8.40 32.96 9.23
N GLY G 51 8.59 33.99 10.05
CA GLY G 51 9.27 33.79 11.32
C GLY G 51 8.46 32.98 12.31
N PHE G 52 7.18 33.26 12.40
CA PHE G 52 6.33 32.63 13.40
C PHE G 52 5.84 31.28 12.91
N ASP G 53 5.19 30.52 13.80
CA ASP G 53 4.73 29.17 13.49
C ASP G 53 3.34 28.93 14.10
N CYS G 54 2.36 29.64 13.56
CA CYS G 54 0.96 29.44 13.86
C CYS G 54 0.15 29.67 12.59
N VAL G 55 -0.93 28.90 12.45
CA VAL G 55 -1.80 29.02 11.29
C VAL G 55 -2.84 30.10 11.55
N TYR G 56 -3.02 30.99 10.57
CA TYR G 56 -4.00 32.06 10.65
C TYR G 56 -4.96 31.95 9.47
N GLY G 57 -6.19 32.39 9.71
CA GLY G 57 -7.20 32.46 8.67
C GLY G 57 -7.52 33.90 8.27
N LEU G 58 -7.22 34.26 7.02
CA LEU G 58 -7.38 35.62 6.56
C LEU G 58 -8.00 35.61 5.17
N GLU G 59 -9.14 36.29 5.03
CA GLU G 59 -9.80 36.50 3.74
C GLU G 59 -8.98 37.51 2.94
N LEU G 60 -7.92 37.01 2.31
CA LEU G 60 -6.94 37.90 1.68
C LEU G 60 -7.60 38.81 0.65
N ASN G 61 -8.60 38.31 -0.06
CA ASN G 61 -9.26 39.12 -1.08
C ASN G 61 -10.22 40.13 -0.46
N LYS G 62 -11.02 39.70 0.52
CA LYS G 62 -12.11 40.53 1.03
C LYS G 62 -11.79 41.27 2.31
N ASP G 63 -10.72 40.89 3.03
CA ASP G 63 -10.45 41.51 4.33
C ASP G 63 -10.00 42.95 4.15
N GLU G 64 -10.56 43.83 4.98
CA GLU G 64 -10.12 45.23 4.94
C GLU G 64 -8.69 45.36 5.44
N ARG G 65 -8.29 44.55 6.40
CA ARG G 65 -6.97 44.73 7.00
C ARG G 65 -5.85 44.38 6.03
N VAL G 66 -6.15 43.57 5.02
CA VAL G 66 -5.16 43.22 4.02
C VAL G 66 -4.85 44.43 3.14
N SER G 67 -3.57 44.71 2.97
CA SER G 67 -3.12 45.84 2.17
C SER G 67 -1.96 45.41 1.29
N ALA G 68 -2.03 45.81 0.02
CA ALA G 68 -0.96 45.57 -0.95
C ALA G 68 -0.58 44.08 -1.00
N LEU G 69 -1.55 43.29 -1.46
CA LEU G 69 -1.35 41.85 -1.59
C LEU G 69 -0.66 41.56 -2.92
N GLU G 70 0.58 41.09 -2.85
CA GLU G 70 1.34 40.69 -4.03
C GLU G 70 1.95 39.32 -3.78
N VAL G 71 2.05 38.54 -4.84
CA VAL G 71 2.58 37.18 -4.77
C VAL G 71 4.06 37.21 -5.11
N LEU G 72 4.89 36.75 -4.18
CA LEU G 72 6.32 36.72 -4.41
C LEU G 72 6.68 35.69 -5.48
N PRO G 73 7.75 35.92 -6.24
CA PRO G 73 8.23 34.89 -7.17
C PRO G 73 9.03 33.79 -6.50
N ASP G 74 9.51 34.01 -5.28
CA ASP G 74 10.30 33.00 -4.60
C ASP G 74 9.48 31.73 -4.39
N ARG G 75 10.08 30.59 -4.73
CA ARG G 75 9.42 29.29 -4.65
C ARG G 75 9.84 28.59 -3.36
N VAL G 76 8.85 28.15 -2.58
CA VAL G 76 9.13 27.47 -1.33
C VAL G 76 9.95 26.22 -1.60
N ALA G 77 11.08 26.11 -0.91
CA ALA G 77 11.92 24.92 -1.02
C ALA G 77 11.12 23.69 -0.63
N THR G 78 11.02 22.74 -1.55
CA THR G 78 10.20 21.55 -1.38
C THR G 78 11.12 20.35 -1.19
N SER G 79 10.94 19.64 -0.08
CA SER G 79 11.80 18.51 0.25
C SER G 79 10.98 17.54 1.10
N ARG G 80 11.69 16.65 1.79
CA ARG G 80 11.03 15.64 2.65
C ARG G 80 11.93 15.29 3.85
N ILE G 81 11.30 14.91 4.96
CA ILE G 81 12.00 14.52 6.22
C ILE G 81 12.54 13.09 6.10
N SER G 82 13.50 12.75 6.96
CA SER G 82 14.23 11.44 6.95
C SER G 82 13.37 10.19 7.26
N ASP G 83 12.57 10.19 8.32
CA ASP G 83 11.80 8.97 8.69
C ASP G 83 10.33 9.09 8.28
N ALA G 84 9.78 8.06 7.64
CA ALA G 84 8.37 8.10 7.21
C ALA G 84 7.51 7.38 8.25
N HIS G 85 8.04 6.32 8.86
CA HIS G 85 7.21 5.59 9.86
C HIS G 85 6.96 6.51 11.05
N LEU G 86 8.02 7.09 11.60
CA LEU G 86 7.90 8.03 12.75
C LEU G 86 6.86 9.09 12.41
N ALA G 87 7.02 9.74 11.25
CA ALA G 87 6.07 10.77 10.76
C ALA G 87 4.64 10.22 10.84
N ASP G 88 4.45 8.96 10.48
CA ASP G 88 3.09 8.37 10.53
C ASP G 88 2.76 7.95 11.96
N THR G 89 3.73 7.53 12.76
CA THR G 89 3.34 6.93 14.07
C THR G 89 2.63 7.97 14.92
N MET G 90 3.16 9.20 14.98
CA MET G 90 2.75 10.16 16.02
C MET G 90 1.62 11.05 15.50
N ILE G 91 0.99 10.65 14.41
CA ILE G 91 -0.11 11.48 13.83
C ILE G 91 -1.39 11.39 14.66
N GLY G 92 -1.82 10.20 15.09
CA GLY G 92 -3.11 10.12 15.79
C GLY G 92 -3.00 10.11 17.31
N LYS G 93 -1.80 10.32 17.85
CA LYS G 93 -1.59 10.21 19.32
C LYS G 93 -1.17 11.54 19.95
N ALA G 94 -1.66 11.84 21.14
CA ALA G 94 -1.29 13.09 21.85
C ALA G 94 0.13 12.95 22.40
N VAL G 95 0.85 14.06 22.56
CA VAL G 95 2.24 14.07 22.98
C VAL G 95 2.53 15.23 23.92
N GLU G 96 3.61 15.08 24.70
CA GLU G 96 4.12 16.16 25.52
C GLU G 96 5.19 16.91 24.72
N HIS G 97 5.09 18.23 24.73
CA HIS G 97 5.94 19.09 23.92
C HIS G 97 6.87 19.89 24.82
N MET G 98 8.16 19.82 24.55
CA MET G 98 9.16 20.49 25.35
C MET G 98 9.45 21.88 24.79
N PHE G 99 9.63 22.84 25.69
CA PHE G 99 9.89 24.23 25.35
C PHE G 99 11.05 24.74 26.20
N GLU G 100 11.44 25.99 25.95
CA GLU G 100 12.53 26.64 26.66
C GLU G 100 12.12 28.05 27.02
N THR G 101 12.85 28.64 27.97
CA THR G 101 12.62 30.01 28.40
C THR G 101 13.96 30.72 28.49
N GLU G 102 13.98 32.05 28.38
CA GLU G 102 15.28 32.80 28.47
C GLU G 102 15.96 32.47 29.80
N ASP G 103 15.15 32.06 30.78
CA ASP G 103 15.63 31.63 32.13
C ASP G 103 16.47 30.36 32.02
N GLY G 104 16.02 29.41 31.18
CA GLY G 104 16.70 28.11 31.02
C GLY G 104 15.83 27.01 31.60
N SER G 105 14.91 27.41 32.47
CA SER G 105 13.91 26.58 33.12
C SER G 105 13.08 25.85 32.08
N LYS G 106 12.99 24.52 32.21
CA LYS G 106 12.33 23.71 31.20
C LYS G 106 10.83 23.98 31.18
N ASP G 107 10.25 23.98 29.98
CA ASP G 107 8.82 24.20 29.79
C ASP G 107 8.24 23.02 29.03
N GLU G 108 7.11 22.50 29.51
CA GLU G 108 6.43 21.37 28.90
C GLU G 108 4.98 21.72 28.71
N TRP G 109 4.48 21.56 27.48
CA TRP G 109 3.09 21.82 27.15
C TRP G 109 2.46 20.56 26.58
N ARG G 110 1.31 20.19 27.10
CA ARG G 110 0.62 18.98 26.67
C ARG G 110 -0.26 19.29 25.47
N GLY G 111 -0.11 18.50 24.40
CA GLY G 111 -0.81 18.75 23.17
C GLY G 111 -1.04 17.47 22.39
N MET G 112 -1.78 17.59 21.29
CA MET G 112 -2.00 16.43 20.40
C MET G 112 -1.57 16.85 19.01
N VAL G 113 -1.08 15.90 18.20
CA VAL G 113 -0.63 16.18 16.81
C VAL G 113 -1.76 15.72 15.91
N LEU G 114 -2.21 16.54 14.97
CA LEU G 114 -3.36 16.04 14.19
C LEU G 114 -3.03 15.61 12.76
N ALA G 115 -2.01 16.20 12.12
CA ALA G 115 -1.73 15.85 10.70
C ALA G 115 -0.35 16.32 10.28
N ARG G 116 -0.16 16.40 8.97
CA ARG G 116 1.10 16.90 8.36
C ARG G 116 0.73 18.09 7.48
N ALA G 117 1.56 19.13 7.47
CA ALA G 117 1.27 20.36 6.71
C ALA G 117 1.17 20.05 5.22
N PRO G 118 0.26 20.70 4.47
CA PRO G 118 0.08 20.42 3.07
C PRO G 118 1.23 20.90 2.20
N VAL G 119 1.50 22.20 2.24
CA VAL G 119 2.50 22.90 1.37
C VAL G 119 3.90 22.53 1.83
N MET G 120 4.12 22.58 3.14
CA MET G 120 5.42 22.26 3.72
C MET G 120 5.27 20.95 4.50
N ASN G 121 5.77 19.86 3.92
CA ASN G 121 5.57 18.54 4.50
C ASN G 121 6.56 18.21 5.60
N THR G 122 7.59 19.04 5.81
CA THR G 122 8.43 18.88 6.99
C THR G 122 7.72 19.33 8.25
N TRP G 123 6.84 20.33 8.15
CA TRP G 123 6.11 20.84 9.30
C TRP G 123 4.93 19.93 9.64
N PHE G 124 4.40 20.12 10.86
CA PHE G 124 3.37 19.24 11.41
C PHE G 124 2.28 20.07 12.08
N TYR G 125 1.02 19.77 11.75
CA TYR G 125 -0.10 20.35 12.48
C TYR G 125 -0.12 19.84 13.91
N ILE G 126 -0.53 20.72 14.83
CA ILE G 126 -0.56 20.35 16.25
C ILE G 126 -1.40 21.36 17.02
N THR G 127 -2.07 20.90 18.08
CA THR G 127 -2.83 21.75 18.98
C THR G 127 -2.57 21.29 20.41
N TYR G 128 -2.86 22.17 21.36
CA TYR G 128 -2.43 21.99 22.74
C TYR G 128 -3.61 22.01 23.69
N GLU G 129 -3.37 21.47 24.90
CA GLU G 129 -4.43 21.34 25.88
C GLU G 129 -4.81 22.69 26.48
N LYS G 130 -3.82 23.49 26.84
CA LYS G 130 -4.09 24.83 27.34
C LYS G 130 -4.36 25.82 26.22
N ASP G 131 -3.91 25.54 25.01
CA ASP G 131 -4.09 26.42 23.86
C ASP G 131 -4.83 25.67 22.75
N PRO G 132 -6.14 25.89 22.57
CA PRO G 132 -6.92 25.07 21.63
C PRO G 132 -6.97 25.64 20.22
N VAL G 133 -5.81 26.02 19.68
CA VAL G 133 -5.75 26.57 18.34
C VAL G 133 -4.81 25.77 17.46
N LEU G 134 -4.65 26.19 16.21
CA LEU G 134 -3.88 25.47 15.21
C LEU G 134 -2.47 26.04 15.15
N TYR G 135 -1.47 25.20 15.42
CA TYR G 135 -0.07 25.58 15.32
C TYR G 135 0.66 24.65 14.35
N MET G 136 1.88 25.04 14.01
CA MET G 136 2.76 24.24 13.16
C MET G 136 4.17 24.23 13.75
N TYR G 137 4.73 23.05 13.92
CA TYR G 137 6.12 22.90 14.32
C TYR G 137 6.70 21.69 13.60
N GLN G 138 7.95 21.82 13.15
CA GLN G 138 8.66 20.67 12.57
C GLN G 138 9.07 19.76 13.73
N LEU G 139 8.10 18.98 14.21
CA LEU G 139 8.25 18.29 15.49
C LEU G 139 9.36 17.25 15.47
N LEU G 140 9.64 16.66 14.31
CA LEU G 140 10.65 15.61 14.24
C LEU G 140 12.02 16.13 14.65
N ASP G 141 12.35 17.38 14.30
CA ASP G 141 13.63 17.94 14.70
C ASP G 141 13.70 18.19 16.20
N ASP G 142 12.57 18.52 16.83
CA ASP G 142 12.53 18.60 18.29
C ASP G 142 12.72 17.21 18.90
N TYR G 143 12.12 16.19 18.28
CA TYR G 143 12.33 14.82 18.70
C TYR G 143 13.81 14.44 18.65
N LYS G 144 14.51 14.87 17.60
CA LYS G 144 15.94 14.58 17.49
C LYS G 144 16.72 15.15 18.67
N GLU G 145 16.37 16.38 19.08
CA GLU G 145 16.97 17.00 20.24
C GLU G 145 16.27 16.60 21.54
N GLY G 146 15.36 15.65 21.48
CA GLY G 146 14.68 15.15 22.65
C GLY G 146 13.74 16.16 23.27
N ASP G 147 12.82 16.70 22.47
CA ASP G 147 11.87 17.69 22.94
C ASP G 147 10.42 17.24 22.78
N LEU G 148 10.19 15.94 22.68
CA LEU G 148 8.83 15.42 22.53
C LEU G 148 8.74 14.05 23.17
N ARG G 149 7.63 13.80 23.86
CA ARG G 149 7.35 12.50 24.44
C ARG G 149 6.05 11.96 23.86
N ILE G 150 6.02 10.67 23.54
CA ILE G 150 4.86 10.04 22.93
C ILE G 150 4.22 9.11 23.96
N MET G 151 2.89 9.17 24.05
CA MET G 151 2.15 8.32 24.99
C MET G 151 2.30 6.85 24.62
N VAL G 167 -20.65 4.85 9.89
CA VAL G 167 -19.93 4.94 8.60
C VAL G 167 -20.06 6.36 8.05
N VAL G 168 -20.99 7.18 8.58
CA VAL G 168 -21.26 8.54 8.04
C VAL G 168 -21.26 9.56 9.17
N ASP G 169 -20.29 10.49 9.26
CA ASP G 169 -20.34 11.32 10.49
C ASP G 169 -19.67 12.70 10.40
N SER G 170 -20.28 13.72 9.79
CA SER G 170 -19.55 15.02 9.83
C SER G 170 -20.47 16.23 9.86
N LEU G 171 -20.03 17.28 10.53
CA LEU G 171 -20.81 18.55 10.64
C LEU G 171 -19.92 19.69 10.16
N VAL G 172 -19.48 19.64 8.90
CA VAL G 172 -18.61 20.70 8.35
C VAL G 172 -19.53 21.77 7.75
N GLY G 173 -19.31 23.03 8.12
CA GLY G 173 -20.13 24.13 7.59
C GLY G 173 -21.36 24.40 8.42
N LYS G 174 -21.59 23.59 9.45
CA LYS G 174 -22.73 23.79 10.37
C LYS G 174 -22.44 25.05 11.19
N GLN G 175 -23.44 25.90 11.41
CA GLN G 175 -23.23 27.15 12.18
C GLN G 175 -23.21 26.80 13.68
N VAL G 176 -22.20 27.28 14.41
CA VAL G 176 -22.00 26.97 15.83
C VAL G 176 -22.02 28.26 16.65
N GLU G 177 -22.48 28.12 17.89
CA GLU G 177 -22.66 29.23 18.81
C GLU G 177 -22.16 28.82 20.19
N TYR G 178 -21.21 29.57 20.72
CA TYR G 178 -20.66 29.37 22.06
C TYR G 178 -20.89 30.65 22.87
N ALA G 179 -20.67 30.57 24.18
CA ALA G 179 -21.09 31.61 25.11
C ALA G 179 -19.90 32.23 25.82
N LYS G 180 -19.75 33.55 25.67
CA LYS G 180 -18.93 34.39 26.54
C LYS G 180 -19.71 35.67 26.80
N GLU G 181 -19.37 36.35 27.89
CA GLU G 181 -20.16 37.50 28.34
C GLU G 181 -19.52 38.85 28.00
N ASP G 182 -18.32 38.87 27.43
CA ASP G 182 -17.65 40.11 27.10
C ASP G 182 -17.94 40.45 25.64
N GLY G 183 -18.67 41.53 25.41
CA GLY G 183 -18.97 41.98 24.07
C GLY G 183 -20.11 41.21 23.43
N SER G 184 -19.83 39.95 23.05
CA SER G 184 -20.84 39.09 22.44
C SER G 184 -20.36 37.65 22.54
N LYS G 185 -21.31 36.74 22.32
CA LYS G 185 -21.03 35.32 22.43
C LYS G 185 -20.31 34.83 21.18
N ARG G 186 -19.75 33.63 21.28
CA ARG G 186 -18.92 33.08 20.22
C ARG G 186 -19.77 32.45 19.14
N THR G 187 -19.56 32.87 17.90
CA THR G 187 -20.34 32.42 16.76
C THR G 187 -19.40 32.16 15.58
N GLY G 188 -19.65 31.08 14.86
CA GLY G 188 -18.85 30.81 13.68
C GLY G 188 -19.33 29.56 12.96
N MET G 189 -18.43 28.97 12.17
CA MET G 189 -18.75 27.75 11.45
C MET G 189 -17.57 26.79 11.50
N VAL G 190 -17.90 25.51 11.48
CA VAL G 190 -16.91 24.43 11.36
C VAL G 190 -16.46 24.36 9.92
N ILE G 191 -15.22 23.91 9.70
CA ILE G 191 -14.66 23.90 8.34
C ILE G 191 -13.99 22.57 8.01
N HIS G 192 -13.80 21.70 9.00
CA HIS G 192 -12.98 20.52 8.70
C HIS G 192 -13.26 19.38 9.67
N GLN G 193 -12.85 18.18 9.25
CA GLN G 193 -12.79 16.98 10.08
C GLN G 193 -11.39 16.39 9.94
N VAL G 194 -10.77 16.06 11.07
CA VAL G 194 -9.38 15.59 11.05
C VAL G 194 -9.34 14.12 10.67
N GLU G 195 -8.41 13.77 9.77
CA GLU G 195 -8.28 12.38 9.33
C GLU G 195 -7.92 11.45 10.48
N ALA G 196 -7.03 11.89 11.36
CA ALA G 196 -6.53 11.01 12.42
C ALA G 196 -7.61 10.72 13.45
N LYS G 197 -8.39 11.73 13.82
CA LYS G 197 -9.44 11.52 14.80
C LYS G 197 -10.71 12.20 14.33
N PRO G 198 -11.74 11.43 13.95
CA PRO G 198 -12.91 12.03 13.30
C PRO G 198 -13.71 12.97 14.20
N SER G 199 -13.53 12.89 15.52
CA SER G 199 -14.28 13.75 16.43
C SER G 199 -13.69 15.15 16.53
N VAL G 200 -12.48 15.35 16.04
CA VAL G 200 -11.77 16.62 16.20
C VAL G 200 -11.96 17.44 14.94
N TYR G 201 -12.50 18.65 15.10
CA TYR G 201 -12.88 19.52 13.99
C TYR G 201 -12.19 20.87 14.11
N PHE G 202 -11.94 21.48 12.95
CA PHE G 202 -11.47 22.86 12.86
C PHE G 202 -12.68 23.79 12.82
N ILE G 203 -12.60 24.90 13.54
CA ILE G 203 -13.67 25.88 13.60
C ILE G 203 -13.10 27.27 13.37
N LYS G 204 -13.94 28.15 12.81
CA LYS G 204 -13.54 29.52 12.50
C LYS G 204 -14.67 30.46 12.91
N PHE G 205 -14.32 31.51 13.65
CA PHE G 205 -15.27 32.52 14.10
C PHE G 205 -14.97 33.87 13.45
N ASP G 206 -15.95 34.75 13.48
CA ASP G 206 -15.80 36.09 12.94
C ASP G 206 -15.03 36.98 13.92
N ASP G 207 -14.51 38.09 13.42
CA ASP G 207 -13.70 39.04 14.18
C ASP G 207 -12.46 38.40 14.79
N ASP G 208 -12.18 37.14 14.45
CA ASP G 208 -11.09 36.38 15.04
C ASP G 208 -10.42 35.61 13.92
N PHE G 209 -9.10 35.78 13.79
CA PHE G 209 -8.35 35.22 12.67
C PHE G 209 -7.51 34.01 13.10
N HIS G 210 -8.06 33.18 13.99
CA HIS G 210 -7.41 31.96 14.44
C HIS G 210 -8.22 30.75 14.01
N ILE G 211 -7.53 29.72 13.55
CA ILE G 211 -8.15 28.43 13.26
C ILE G 211 -8.14 27.61 14.55
N TYR G 212 -9.32 27.23 15.02
CA TYR G 212 -9.47 26.58 16.31
C TYR G 212 -9.66 25.08 16.14
N VAL G 213 -9.23 24.32 17.15
CA VAL G 213 -9.31 22.87 17.16
C VAL G 213 -10.14 22.44 18.36
N TYR G 214 -11.30 21.82 18.11
CA TYR G 214 -12.18 21.40 19.19
C TYR G 214 -12.66 19.97 18.96
N ASP G 215 -12.98 19.28 20.05
CA ASP G 215 -13.65 17.98 20.01
C ASP G 215 -15.10 18.17 20.44
N LEU G 216 -16.02 17.57 19.69
CA LEU G 216 -17.45 17.79 19.88
C LEU G 216 -18.15 16.57 20.49
N VAL G 217 -17.39 15.68 21.12
CA VAL G 217 -17.98 14.41 21.52
C VAL G 217 -17.26 13.74 22.70
N ALA H 1 13.94 23.37 23.75
CA ALA H 1 14.88 24.09 22.90
C ALA H 1 14.14 25.00 21.93
N ARG H 2 12.81 24.99 21.98
CA ARG H 2 11.98 25.84 21.17
C ARG H 2 11.23 26.84 22.05
N THR H 3 11.19 28.11 21.61
CA THR H 3 10.55 29.19 22.41
C THR H 3 9.09 29.37 22.00
N M3L H 4 8.27 29.93 22.90
CA M3L H 4 6.83 30.14 22.62
CB M3L H 4 5.99 29.83 23.86
CG M3L H 4 4.94 28.74 23.67
CD M3L H 4 3.54 29.26 23.55
CE M3L H 4 2.54 28.16 23.84
NZ M3L H 4 2.43 27.08 22.78
C M3L H 4 6.61 31.60 22.17
O M3L H 4 5.48 31.91 21.75
CM1 M3L H 4 2.10 27.70 21.46
CM2 M3L H 4 1.36 26.12 23.15
CM3 M3L H 4 3.72 26.35 22.67
N GLN H 5 7.64 32.43 22.23
CA GLN H 5 7.50 33.86 21.83
C GLN H 5 7.12 33.95 20.35
N THR H 6 7.73 33.09 19.52
CA THR H 6 7.49 33.04 18.05
C THR H 6 6.04 32.65 17.74
N ALA H 7 5.45 31.74 18.54
CA ALA H 7 4.09 31.17 18.32
C ALA H 7 3.07 32.19 17.79
N ARG H 8 2.94 33.38 18.38
CA ARG H 8 1.88 34.29 17.87
C ARG H 8 2.45 35.62 17.38
N MLY H 9 1.72 36.27 16.48
CA MLY H 9 2.10 37.60 15.92
CB MLY H 9 1.23 37.91 14.70
CG MLY H 9 1.91 37.69 13.34
CD MLY H 9 0.95 37.81 12.19
CE MLY H 9 -0.27 38.66 12.47
NZ MLY H 9 -1.35 38.44 11.50
CH1 MLY H 9 -2.14 39.65 11.29
CH2 MLY H 9 -0.79 38.00 10.22
C MLY H 9 1.86 38.68 16.98
O MLY H 9 1.02 38.46 17.86
N SER H 10 2.58 39.80 16.86
CA SER H 10 2.42 40.94 17.81
C SER H 10 0.93 41.29 17.96
#